data_9IUR
#
_entry.id   9IUR
#
_cell.length_a   132.963
_cell.length_b   132.963
_cell.length_c   38.085
_cell.angle_alpha   90.00
_cell.angle_beta   90.00
_cell.angle_gamma   90.00
#
_symmetry.space_group_name_H-M   'P 41'
#
loop_
_entity.id
_entity.type
_entity.pdbx_description
1 polymer 'Slr1911 protein'
2 non-polymer 'IODIDE ION'
3 water water
#
_entity_poly.entity_id   1
_entity_poly.type   'polypeptide(L)'
_entity_poly.pdbx_seq_one_letter_code
;PWRYRLDQFTKEEQTALGALAWAFYQQWPAKEQYLGLDLHPQAHFISCAPQAIAQLNDQVNGRIQEMVGILYGYDPRTEV
AIFVIGPTQFKLLFFQPIPDPASCFAALGLTIEELKHRLEKTLQEKLALEHHHHHH
;
_entity_poly.pdbx_strand_id   A,B,C,D,E
#
# COMPACT_ATOMS: atom_id res chain seq x y z
N PRO A 1 33.99 2.36 11.09
CA PRO A 1 33.90 1.43 9.97
C PRO A 1 32.44 1.07 9.61
N TRP A 2 31.94 1.60 8.50
CA TRP A 2 30.51 1.48 8.20
C TRP A 2 30.10 0.03 7.96
N ARG A 3 30.96 -0.78 7.33
CA ARG A 3 30.61 -2.17 7.10
C ARG A 3 30.43 -2.93 8.42
N TYR A 4 31.32 -2.67 9.38
CA TYR A 4 31.18 -3.30 10.69
C TYR A 4 29.92 -2.82 11.39
N ARG A 5 29.59 -1.54 11.28
CA ARG A 5 28.39 -1.00 11.91
C ARG A 5 27.14 -1.66 11.36
N LEU A 6 27.10 -1.90 10.05
CA LEU A 6 25.94 -2.58 9.46
C LEU A 6 25.83 -4.01 9.98
N ASP A 7 26.96 -4.70 10.14
CA ASP A 7 26.93 -6.06 10.66
C ASP A 7 26.37 -6.11 12.07
N GLN A 8 26.78 -5.17 12.93
CA GLN A 8 26.21 -5.12 14.27
C GLN A 8 24.75 -4.70 14.23
N PHE A 9 24.40 -3.76 13.33
CA PHE A 9 23.01 -3.35 13.20
C PHE A 9 22.12 -4.53 12.82
N THR A 10 22.63 -5.40 11.95
CA THR A 10 21.87 -6.58 11.55
C THR A 10 21.60 -7.48 12.73
N LYS A 11 22.60 -7.68 13.60
CA LYS A 11 22.42 -8.54 14.77
C LYS A 11 21.53 -7.86 15.81
N GLU A 12 21.79 -6.59 16.11
CA GLU A 12 21.03 -5.93 17.16
C GLU A 12 19.56 -5.77 16.80
N GLU A 13 19.26 -5.46 15.53
CA GLU A 13 17.89 -5.23 15.09
C GLU A 13 17.36 -6.38 14.25
N GLN A 14 17.77 -7.60 14.59
CA GLN A 14 17.39 -8.77 13.80
C GLN A 14 15.88 -8.93 13.72
N THR A 15 15.17 -8.69 14.83
CA THR A 15 13.71 -8.85 14.82
C THR A 15 13.03 -7.78 13.97
N ALA A 16 13.41 -6.50 14.19
CA ALA A 16 12.76 -5.43 13.45
C ALA A 16 13.02 -5.52 11.96
N LEU A 17 14.24 -5.92 11.58
CA LEU A 17 14.54 -6.11 10.17
C LEU A 17 13.79 -7.30 9.60
N GLY A 18 13.55 -8.33 10.41
CA GLY A 18 12.68 -9.41 9.97
C GLY A 18 11.28 -8.93 9.69
N ALA A 19 10.73 -8.09 10.57
CA ALA A 19 9.39 -7.57 10.36
C ALA A 19 9.32 -6.67 9.13
N LEU A 20 10.31 -5.80 8.95
CA LEU A 20 10.31 -4.92 7.78
C LEU A 20 10.43 -5.73 6.49
N ALA A 21 11.31 -6.74 6.49
CA ALA A 21 11.47 -7.58 5.31
C ALA A 21 10.18 -8.31 4.96
N TRP A 22 9.47 -8.82 5.97
CA TRP A 22 8.23 -9.54 5.72
C TRP A 22 7.17 -8.64 5.12
N ALA A 23 7.00 -7.43 5.67
CA ALA A 23 6.03 -6.50 5.12
C ALA A 23 6.38 -6.14 3.68
N PHE A 24 7.66 -5.91 3.41
CA PHE A 24 8.08 -5.60 2.04
C PHE A 24 7.80 -6.78 1.12
N TYR A 25 7.99 -8.01 1.62
CA TYR A 25 7.70 -9.18 0.81
C TYR A 25 6.24 -9.28 0.46
N GLN A 26 5.35 -8.96 1.41
CA GLN A 26 3.92 -8.97 1.12
C GLN A 26 3.57 -7.95 0.04
N GLN A 27 4.19 -6.76 0.09
CA GLN A 27 3.92 -5.76 -0.93
C GLN A 27 4.44 -6.17 -2.30
N TRP A 28 5.47 -7.00 -2.35
CA TRP A 28 6.08 -7.45 -3.60
C TRP A 28 6.27 -8.96 -3.54
N PRO A 29 5.19 -9.72 -3.68
CA PRO A 29 5.28 -11.18 -3.45
C PRO A 29 6.09 -11.93 -4.49
N ALA A 30 6.27 -11.38 -5.69
CA ALA A 30 7.03 -12.05 -6.73
C ALA A 30 8.48 -11.58 -6.80
N LYS A 31 8.93 -10.85 -5.78
CA LYS A 31 10.25 -10.22 -5.77
C LYS A 31 10.44 -9.34 -7.01
N GLU A 32 9.39 -8.57 -7.33
CA GLU A 32 9.52 -7.53 -8.35
C GLU A 32 10.40 -6.39 -7.85
N GLN A 33 10.49 -6.20 -6.54
CA GLN A 33 11.34 -5.19 -5.93
C GLN A 33 12.16 -5.84 -4.82
N TYR A 34 13.41 -5.42 -4.71
CA TYR A 34 14.27 -5.83 -3.62
C TYR A 34 14.33 -4.71 -2.58
N LEU A 35 14.33 -5.10 -1.30
CA LEU A 35 14.46 -4.11 -0.24
C LEU A 35 15.87 -3.52 -0.26
N GLY A 36 15.96 -2.20 -0.35
CA GLY A 36 17.24 -1.52 -0.47
C GLY A 36 17.53 -0.60 0.72
N LEU A 37 18.79 -0.16 0.77
CA LEU A 37 19.25 0.73 1.84
C LEU A 37 20.34 1.62 1.28
N ASP A 38 20.07 2.91 1.19
CA ASP A 38 21.02 3.89 0.68
C ASP A 38 21.52 4.73 1.85
N LEU A 39 22.84 4.76 2.05
CA LEU A 39 23.44 5.45 3.17
C LEU A 39 23.78 6.91 2.88
N HIS A 40 23.61 7.35 1.64
CA HIS A 40 23.98 8.70 1.24
C HIS A 40 22.75 9.49 0.82
N PRO A 41 22.56 10.71 1.33
CA PRO A 41 23.39 11.37 2.35
C PRO A 41 23.01 10.90 3.75
N GLN A 42 21.84 10.26 3.88
CA GLN A 42 21.34 9.74 5.15
C GLN A 42 20.76 8.35 4.92
N ALA A 43 20.85 7.51 5.95
CA ALA A 43 20.41 6.12 5.82
C ALA A 43 18.89 6.05 5.67
N HIS A 44 18.43 5.54 4.54
CA HIS A 44 17.01 5.40 4.31
C HIS A 44 16.75 4.19 3.42
N PHE A 45 15.63 3.51 3.67
CA PHE A 45 15.26 2.35 2.90
C PHE A 45 14.72 2.76 1.53
N ILE A 46 15.03 1.96 0.52
CA ILE A 46 14.62 2.21 -0.86
C ILE A 46 14.10 0.90 -1.46
N SER A 47 13.58 1.00 -2.68
CA SER A 47 13.15 -0.16 -3.46
C SER A 47 14.03 -0.27 -4.69
N CYS A 48 14.62 -1.44 -4.89
CA CYS A 48 15.53 -1.69 -6.01
C CYS A 48 14.92 -2.70 -6.97
N ALA A 49 14.81 -2.31 -8.23
CA ALA A 49 14.35 -3.24 -9.24
C ALA A 49 15.48 -4.18 -9.64
N PRO A 50 15.15 -5.43 -10.00
CA PRO A 50 16.20 -6.35 -10.48
C PRO A 50 16.92 -5.84 -11.72
N GLN A 51 16.22 -5.14 -12.61
CA GLN A 51 16.90 -4.51 -13.74
C GLN A 51 17.95 -3.52 -13.26
N ALA A 52 17.58 -2.70 -12.26
CA ALA A 52 18.52 -1.72 -11.72
C ALA A 52 19.73 -2.39 -11.09
N ILE A 53 19.51 -3.47 -10.33
CA ILE A 53 20.63 -4.20 -9.74
C ILE A 53 21.49 -4.82 -10.82
N ALA A 54 20.86 -5.38 -11.85
CA ALA A 54 21.61 -5.94 -12.98
C ALA A 54 22.46 -4.87 -13.65
N GLN A 55 21.89 -3.69 -13.88
CA GLN A 55 22.65 -2.58 -14.43
C GLN A 55 23.77 -2.15 -13.49
N LEU A 56 23.49 -2.13 -12.18
CA LEU A 56 24.53 -1.79 -11.21
C LEU A 56 25.69 -2.77 -11.27
N ASN A 57 25.39 -4.06 -11.44
CA ASN A 57 26.46 -5.05 -11.60
C ASN A 57 27.22 -4.86 -12.91
N ASP A 58 26.53 -4.44 -13.97
CA ASP A 58 27.22 -4.14 -15.23
C ASP A 58 28.19 -2.97 -15.05
N GLN A 59 27.77 -1.93 -14.33
CA GLN A 59 28.65 -0.78 -14.11
C GLN A 59 29.89 -1.15 -13.32
N VAL A 60 29.87 -2.27 -12.61
CA VAL A 60 31.00 -2.73 -11.81
C VAL A 60 31.67 -3.95 -12.41
N ASN A 61 31.21 -4.42 -13.57
CA ASN A 61 31.77 -5.57 -14.28
C ASN A 61 31.74 -6.83 -13.41
N GLY A 62 30.54 -7.18 -12.96
CA GLY A 62 30.32 -8.47 -12.33
C GLY A 62 30.88 -8.62 -10.94
N ARG A 63 31.32 -7.55 -10.29
CA ARG A 63 31.90 -7.67 -8.96
C ARG A 63 30.85 -7.90 -7.87
N ILE A 64 29.57 -7.69 -8.16
CA ILE A 64 28.52 -8.01 -7.19
C ILE A 64 27.63 -9.10 -7.77
N GLN A 65 28.24 -9.99 -8.57
CA GLN A 65 27.48 -11.08 -9.17
C GLN A 65 26.84 -11.98 -8.12
N GLU A 66 27.57 -12.29 -7.04
CA GLU A 66 27.03 -13.19 -6.03
C GLU A 66 25.87 -12.55 -5.27
N MET A 67 25.86 -11.21 -5.15
CA MET A 67 24.70 -10.52 -4.58
C MET A 67 23.48 -10.68 -5.47
N VAL A 68 23.68 -10.60 -6.80
CA VAL A 68 22.57 -10.78 -7.72
C VAL A 68 21.98 -12.18 -7.59
N GLY A 69 22.84 -13.19 -7.47
CA GLY A 69 22.35 -14.55 -7.29
C GLY A 69 21.57 -14.71 -6.00
N ILE A 70 22.10 -14.19 -4.90
CA ILE A 70 21.40 -14.29 -3.61
C ILE A 70 20.06 -13.56 -3.67
N LEU A 71 20.04 -12.36 -4.26
CA LEU A 71 18.78 -11.63 -4.38
C LEU A 71 17.78 -12.42 -5.22
N TYR A 72 18.24 -13.02 -6.32
CA TYR A 72 17.37 -13.88 -7.11
C TYR A 72 16.93 -15.11 -6.31
N GLY A 73 17.85 -15.72 -5.58
CA GLY A 73 17.61 -17.04 -5.02
C GLY A 73 17.10 -17.13 -3.59
N TYR A 74 17.17 -16.05 -2.82
CA TYR A 74 16.81 -16.13 -1.42
C TYR A 74 15.30 -16.35 -1.25
N ASP A 75 14.95 -17.00 -0.14
CA ASP A 75 13.56 -17.32 0.17
C ASP A 75 13.02 -16.31 1.16
N PRO A 76 12.10 -15.42 0.77
CA PRO A 76 11.66 -14.38 1.70
C PRO A 76 10.92 -14.92 2.92
N ARG A 77 10.40 -16.14 2.85
CA ARG A 77 9.64 -16.68 3.97
C ARG A 77 10.52 -16.97 5.17
N THR A 78 11.84 -17.12 4.97
CA THR A 78 12.77 -17.41 6.05
C THR A 78 14.02 -16.54 6.03
N GLU A 79 14.31 -15.84 4.94
CA GLU A 79 15.60 -15.17 4.75
C GLU A 79 15.37 -13.70 4.43
N VAL A 80 16.27 -12.85 4.96
CA VAL A 80 16.23 -11.42 4.72
C VAL A 80 17.43 -11.06 3.86
N ALA A 81 17.17 -10.36 2.75
CA ALA A 81 18.21 -9.90 1.84
C ALA A 81 17.96 -8.43 1.57
N ILE A 82 18.83 -7.58 2.10
CA ILE A 82 18.73 -6.12 1.94
C ILE A 82 19.97 -5.65 1.19
N PHE A 83 19.76 -4.89 0.13
CA PHE A 83 20.85 -4.37 -0.69
C PHE A 83 21.23 -2.98 -0.15
N VAL A 84 22.49 -2.84 0.25
CA VAL A 84 22.98 -1.63 0.89
C VAL A 84 23.94 -0.93 -0.07
N ILE A 85 23.64 0.32 -0.39
CA ILE A 85 24.53 1.18 -1.17
C ILE A 85 25.37 1.97 -0.19
N GLY A 86 26.65 1.63 -0.08
CA GLY A 86 27.56 2.33 0.79
C GLY A 86 28.34 3.39 0.06
N PRO A 87 29.05 4.23 0.82
CA PRO A 87 29.87 5.27 0.19
C PRO A 87 31.00 4.72 -0.66
N THR A 88 31.57 3.57 -0.29
CA THR A 88 32.72 3.00 -0.98
C THR A 88 32.40 1.79 -1.83
N GLN A 89 31.32 1.07 -1.54
CA GLN A 89 30.98 -0.16 -2.25
C GLN A 89 29.58 -0.59 -1.85
N PHE A 90 29.16 -1.73 -2.37
CA PHE A 90 27.87 -2.33 -2.05
C PHE A 90 28.02 -3.37 -0.95
N LYS A 91 26.92 -3.58 -0.21
CA LYS A 91 26.88 -4.57 0.86
C LYS A 91 25.51 -5.22 0.86
N LEU A 92 25.47 -6.54 1.07
CA LEU A 92 24.23 -7.29 1.12
C LEU A 92 24.03 -7.83 2.53
N LEU A 93 22.92 -7.47 3.16
CA LEU A 93 22.55 -8.02 4.46
C LEU A 93 21.76 -9.30 4.20
N PHE A 94 22.36 -10.44 4.55
CA PHE A 94 21.78 -11.76 4.26
C PHE A 94 21.80 -12.60 5.53
N PHE A 95 20.62 -12.90 6.06
CA PHE A 95 20.53 -13.66 7.31
C PHE A 95 19.13 -14.25 7.43
N GLN A 96 19.00 -15.21 8.34
CA GLN A 96 17.71 -15.79 8.70
C GLN A 96 17.38 -15.40 10.13
N PRO A 97 16.42 -14.51 10.36
CA PRO A 97 16.11 -14.11 11.74
C PRO A 97 15.45 -15.24 12.52
N ILE A 98 15.49 -15.10 13.84
CA ILE A 98 14.81 -16.01 14.75
C ILE A 98 13.90 -15.17 15.64
N PRO A 99 12.57 -15.34 15.56
CA PRO A 99 11.85 -16.28 14.71
C PRO A 99 11.78 -15.84 13.25
N ASP A 100 10.97 -16.52 12.46
CA ASP A 100 10.87 -16.25 11.03
C ASP A 100 10.30 -14.86 10.78
N PRO A 101 10.53 -14.30 9.59
CA PRO A 101 10.07 -12.92 9.33
C PRO A 101 8.60 -12.67 9.60
N ALA A 102 7.72 -13.62 9.26
CA ALA A 102 6.30 -13.42 9.55
C ALA A 102 6.04 -13.32 11.05
N SER A 103 6.73 -14.15 11.84
CA SER A 103 6.58 -14.07 13.29
C SER A 103 7.16 -12.78 13.85
N CYS A 104 8.23 -12.27 13.25
CA CYS A 104 8.78 -10.98 13.66
C CYS A 104 7.75 -9.86 13.45
N PHE A 105 7.11 -9.87 12.29
CA PHE A 105 6.09 -8.86 12.01
C PHE A 105 4.93 -8.96 13.00
N ALA A 106 4.50 -10.19 13.30
CA ALA A 106 3.38 -10.39 14.23
C ALA A 106 3.75 -9.94 15.64
N ALA A 107 4.97 -10.24 16.08
CA ALA A 107 5.36 -9.90 17.45
C ALA A 107 5.43 -8.40 17.66
N LEU A 108 5.90 -7.66 16.65
CA LEU A 108 6.14 -6.23 16.80
C LEU A 108 4.85 -5.41 16.71
N GLY A 109 3.95 -5.78 15.79
CA GLY A 109 2.72 -5.05 15.61
C GLY A 109 2.84 -3.75 14.85
N LEU A 110 4.04 -3.36 14.45
CA LEU A 110 4.24 -2.09 13.78
C LEU A 110 3.95 -2.20 12.29
N THR A 111 3.52 -1.09 11.70
CA THR A 111 3.33 -1.04 10.27
C THR A 111 4.68 -0.85 9.56
N ILE A 112 4.65 -0.94 8.24
CA ILE A 112 5.89 -0.82 7.49
C ILE A 112 6.49 0.58 7.62
N GLU A 113 5.64 1.62 7.69
CA GLU A 113 6.15 2.97 7.86
C GLU A 113 6.83 3.15 9.21
N GLU A 114 6.19 2.68 10.28
CA GLU A 114 6.80 2.78 11.60
C GLU A 114 8.05 1.93 11.69
N LEU A 115 8.11 0.83 10.94
CA LEU A 115 9.32 0.00 10.93
C LEU A 115 10.48 0.74 10.25
N LYS A 116 10.23 1.30 9.07
CA LYS A 116 11.27 2.09 8.39
C LYS A 116 11.69 3.28 9.23
N HIS A 117 10.73 3.99 9.81
CA HIS A 117 11.07 5.17 10.60
C HIS A 117 11.92 4.80 11.81
N ARG A 118 11.54 3.73 12.51
CA ARG A 118 12.29 3.30 13.68
C ARG A 118 13.70 2.83 13.29
N LEU A 119 13.80 2.08 12.20
CA LEU A 119 15.08 1.49 11.82
C LEU A 119 16.03 2.54 11.23
N GLU A 120 15.50 3.46 10.43
CA GLU A 120 16.35 4.49 9.83
C GLU A 120 16.97 5.39 10.87
N LYS A 121 16.19 5.79 11.89
CA LYS A 121 16.75 6.60 12.96
C LYS A 121 17.84 5.84 13.71
N THR A 122 17.59 4.56 14.01
CA THR A 122 18.58 3.75 14.72
C THR A 122 19.85 3.61 13.91
N LEU A 123 19.73 3.32 12.61
CA LEU A 123 20.91 3.16 11.77
C LEU A 123 21.66 4.47 11.60
N GLN A 124 20.93 5.59 11.41
CA GLN A 124 21.59 6.88 11.27
C GLN A 124 22.39 7.22 12.52
N GLU A 125 21.85 6.91 13.70
CA GLU A 125 22.56 7.17 14.94
C GLU A 125 23.86 6.38 15.01
N LYS A 126 23.83 5.11 14.59
CA LYS A 126 25.00 4.26 14.69
C LYS A 126 26.10 4.64 13.70
N LEU A 127 25.76 5.34 12.62
CA LEU A 127 26.75 5.63 11.59
C LEU A 127 27.50 6.94 11.84
N ALA A 128 26.77 8.02 12.07
CA ALA A 128 27.35 9.35 12.34
C ALA A 128 28.31 9.78 11.23
N PRO B 1 26.07 5.13 -8.55
CA PRO B 1 26.36 6.41 -7.89
C PRO B 1 25.27 7.44 -8.13
N TRP B 2 25.68 8.61 -8.61
CA TRP B 2 24.73 9.65 -9.00
C TRP B 2 23.78 9.15 -10.09
N ARG B 3 24.24 8.21 -10.92
CA ARG B 3 23.42 7.73 -12.03
C ARG B 3 22.17 7.02 -11.53
N TYR B 4 22.31 6.15 -10.54
CA TYR B 4 21.15 5.46 -9.98
C TYR B 4 20.22 6.43 -9.26
N ARG B 5 20.79 7.35 -8.48
CA ARG B 5 19.95 8.31 -7.76
C ARG B 5 19.22 9.23 -8.72
N LEU B 6 19.87 9.62 -9.83
CA LEU B 6 19.19 10.41 -10.84
C LEU B 6 18.05 9.63 -11.48
N ASP B 7 18.23 8.31 -11.68
CA ASP B 7 17.14 7.48 -12.17
C ASP B 7 15.99 7.43 -11.17
N GLN B 8 16.30 7.32 -9.87
CA GLN B 8 15.26 7.37 -8.86
C GLN B 8 14.56 8.72 -8.86
N PHE B 9 15.34 9.80 -9.01
CA PHE B 9 14.75 11.13 -9.09
C PHE B 9 13.80 11.23 -10.27
N THR B 10 14.16 10.63 -11.40
CA THR B 10 13.33 10.72 -12.60
C THR B 10 11.96 10.12 -12.39
N LYS B 11 11.90 8.96 -11.73
CA LYS B 11 10.60 8.36 -11.43
C LYS B 11 9.88 9.10 -10.30
N GLU B 12 10.62 9.51 -9.26
CA GLU B 12 9.97 10.15 -8.12
C GLU B 12 9.34 11.48 -8.53
N GLU B 13 9.92 12.18 -9.50
CA GLU B 13 9.45 13.50 -9.91
C GLU B 13 8.96 13.52 -11.36
N GLN B 14 8.41 12.40 -11.84
CA GLN B 14 8.02 12.31 -13.25
C GLN B 14 6.93 13.31 -13.61
N THR B 15 6.04 13.64 -12.66
CA THR B 15 5.00 14.60 -12.95
C THR B 15 5.58 15.99 -13.13
N ALA B 16 6.45 16.41 -12.20
CA ALA B 16 7.04 17.74 -12.29
C ALA B 16 7.99 17.86 -13.47
N LEU B 17 8.80 16.83 -13.72
CA LEU B 17 9.71 16.88 -14.87
C LEU B 17 8.92 16.95 -16.17
N GLY B 18 7.78 16.27 -16.24
CA GLY B 18 6.91 16.41 -17.39
C GLY B 18 6.40 17.82 -17.55
N ALA B 19 6.00 18.46 -16.45
CA ALA B 19 5.53 19.84 -16.51
C ALA B 19 6.63 20.77 -17.01
N LEU B 20 7.84 20.62 -16.46
CA LEU B 20 8.95 21.45 -16.89
C LEU B 20 9.27 21.23 -18.37
N ALA B 21 9.23 19.97 -18.82
CA ALA B 21 9.53 19.68 -20.22
C ALA B 21 8.52 20.32 -21.15
N TRP B 22 7.23 20.29 -20.77
CA TRP B 22 6.21 20.93 -21.59
C TRP B 22 6.41 22.44 -21.64
N ALA B 23 6.63 23.05 -20.47
CA ALA B 23 6.86 24.49 -20.42
C ALA B 23 8.08 24.88 -21.23
N PHE B 24 9.09 24.01 -21.29
CA PHE B 24 10.23 24.26 -22.16
C PHE B 24 9.84 24.07 -23.62
N TYR B 25 8.97 23.09 -23.90
CA TYR B 25 8.56 22.84 -25.28
C TYR B 25 7.73 23.99 -25.85
N GLN B 26 6.92 24.64 -25.02
CA GLN B 26 6.13 25.77 -25.50
C GLN B 26 7.02 26.92 -25.94
N GLN B 27 8.12 27.15 -25.22
CA GLN B 27 9.05 28.22 -25.61
C GLN B 27 9.73 27.90 -26.93
N TRP B 28 10.05 26.63 -27.18
CA TRP B 28 10.75 26.20 -28.39
C TRP B 28 9.95 25.08 -29.05
N PRO B 29 8.83 25.42 -29.70
CA PRO B 29 7.96 24.38 -30.28
C PRO B 29 8.60 23.60 -31.41
N ALA B 30 9.66 24.13 -32.04
CA ALA B 30 10.30 23.46 -33.17
C ALA B 30 11.65 22.85 -32.79
N LYS B 31 11.84 22.55 -31.50
CA LYS B 31 13.10 21.98 -30.99
C LYS B 31 14.28 22.88 -31.32
N GLU B 32 14.08 24.20 -31.22
CA GLU B 32 15.18 25.13 -31.37
C GLU B 32 16.20 25.00 -30.23
N GLN B 33 15.76 24.45 -29.09
CA GLN B 33 16.63 24.24 -27.94
C GLN B 33 16.24 22.93 -27.28
N TYR B 34 17.23 22.25 -26.70
CA TYR B 34 17.00 21.02 -25.93
C TYR B 34 17.12 21.32 -24.44
N LEU B 35 16.29 20.65 -23.65
CA LEU B 35 16.37 20.81 -22.20
C LEU B 35 17.57 20.06 -21.64
N GLY B 36 18.38 20.75 -20.82
CA GLY B 36 19.60 20.18 -20.31
C GLY B 36 19.68 20.33 -18.79
N LEU B 37 20.64 19.61 -18.22
CA LEU B 37 20.82 19.59 -16.76
C LEU B 37 22.29 19.37 -16.45
N ASP B 38 22.94 20.39 -15.89
CA ASP B 38 24.35 20.33 -15.52
C ASP B 38 24.45 20.16 -14.01
N LEU B 39 25.22 19.16 -13.58
CA LEU B 39 25.32 18.81 -12.17
C LEU B 39 26.52 19.43 -11.48
N HIS B 40 27.24 20.33 -12.15
CA HIS B 40 28.42 20.97 -11.58
C HIS B 40 28.32 22.47 -11.69
N PRO B 41 28.59 23.23 -10.60
CA PRO B 41 28.92 22.72 -9.25
C PRO B 41 27.67 22.27 -8.51
N GLN B 42 26.54 22.93 -8.74
CA GLN B 42 25.25 22.52 -8.22
C GLN B 42 24.34 22.18 -9.39
N ALA B 43 23.44 21.21 -9.18
CA ALA B 43 22.56 20.78 -10.26
C ALA B 43 21.64 21.92 -10.68
N HIS B 44 21.66 22.26 -11.96
CA HIS B 44 20.81 23.31 -12.49
C HIS B 44 20.47 22.99 -13.94
N PHE B 45 19.30 23.46 -14.38
CA PHE B 45 18.85 23.20 -15.73
C PHE B 45 19.45 24.21 -16.70
N ILE B 46 19.81 23.73 -17.88
CA ILE B 46 20.42 24.56 -18.92
C ILE B 46 19.66 24.32 -20.22
N SER B 47 20.01 25.11 -21.23
CA SER B 47 19.41 25.01 -22.56
C SER B 47 20.52 24.77 -23.57
N CYS B 48 20.44 23.65 -24.29
CA CYS B 48 21.47 23.25 -25.24
C CYS B 48 20.94 23.42 -26.65
N ALA B 49 21.68 24.15 -27.49
CA ALA B 49 21.32 24.26 -28.89
C ALA B 49 21.63 22.96 -29.62
N PRO B 50 20.78 22.54 -30.56
CA PRO B 50 21.06 21.29 -31.30
C PRO B 50 22.37 21.29 -32.06
N GLN B 51 22.78 22.45 -32.58
CA GLN B 51 24.07 22.51 -33.29
C GLN B 51 25.22 22.22 -32.34
N ALA B 52 25.19 22.79 -31.13
CA ALA B 52 26.29 22.62 -30.19
C ALA B 52 26.44 21.17 -29.74
N ILE B 53 25.32 20.49 -29.50
CA ILE B 53 25.40 19.10 -29.08
C ILE B 53 25.80 18.20 -30.24
N ALA B 54 25.55 18.64 -31.48
CA ALA B 54 26.08 17.92 -32.64
C ALA B 54 27.59 18.04 -32.71
N GLN B 55 28.11 19.26 -32.49
CA GLN B 55 29.56 19.44 -32.42
C GLN B 55 30.15 18.73 -31.21
N LEU B 56 29.46 18.79 -30.07
CA LEU B 56 29.87 18.01 -28.91
C LEU B 56 29.91 16.52 -29.23
N ASN B 57 28.99 16.06 -30.09
CA ASN B 57 29.03 14.67 -30.54
C ASN B 57 30.28 14.38 -31.36
N ASP B 58 30.71 15.34 -32.18
CA ASP B 58 31.90 15.14 -33.01
C ASP B 58 33.17 15.22 -32.16
N GLN B 59 33.23 16.16 -31.22
CA GLN B 59 34.42 16.27 -30.38
C GLN B 59 34.62 15.03 -29.52
N VAL B 60 33.53 14.35 -29.16
CA VAL B 60 33.62 13.06 -28.50
C VAL B 60 33.55 11.90 -29.49
N ASN B 61 33.37 12.20 -30.77
CA ASN B 61 33.44 11.22 -31.86
C ASN B 61 32.39 10.11 -31.69
N GLY B 62 31.12 10.52 -31.71
CA GLY B 62 30.02 9.58 -31.70
C GLY B 62 29.77 8.89 -30.37
N ARG B 63 30.44 9.32 -29.29
CA ARG B 63 30.27 8.66 -28.01
C ARG B 63 28.86 8.82 -27.47
N ILE B 64 28.18 9.91 -27.83
CA ILE B 64 26.82 10.16 -27.38
C ILE B 64 25.90 10.19 -28.60
N GLN B 65 26.25 9.43 -29.63
CA GLN B 65 25.45 9.42 -30.85
C GLN B 65 24.03 8.92 -30.59
N GLU B 66 23.89 7.96 -29.67
CA GLU B 66 22.56 7.51 -29.28
C GLU B 66 21.75 8.65 -28.69
N MET B 67 22.37 9.48 -27.85
CA MET B 67 21.65 10.60 -27.24
C MET B 67 21.29 11.66 -28.27
N VAL B 68 22.14 11.87 -29.27
CA VAL B 68 21.82 12.82 -30.34
C VAL B 68 20.58 12.36 -31.11
N GLY B 69 20.51 11.05 -31.39
CA GLY B 69 19.36 10.54 -32.13
C GLY B 69 18.06 10.65 -31.36
N ILE B 70 18.09 10.33 -30.07
CA ILE B 70 16.87 10.39 -29.26
C ILE B 70 16.37 11.82 -29.17
N LEU B 71 17.27 12.79 -28.97
CA LEU B 71 16.86 14.18 -28.88
C LEU B 71 16.27 14.68 -30.20
N TYR B 72 16.73 14.14 -31.33
CA TYR B 72 16.18 14.55 -32.62
C TYR B 72 14.83 13.93 -32.90
N GLY B 73 14.55 12.75 -32.33
CA GLY B 73 13.33 12.05 -32.66
C GLY B 73 12.25 11.97 -31.60
N TYR B 74 12.52 12.46 -30.38
CA TYR B 74 11.53 12.30 -29.32
C TYR B 74 10.32 13.19 -29.57
N ASP B 75 9.15 12.69 -29.19
CA ASP B 75 7.90 13.42 -29.37
C ASP B 75 7.65 14.25 -28.12
N PRO B 76 7.75 15.58 -28.17
CA PRO B 76 7.56 16.39 -26.96
C PRO B 76 6.14 16.35 -26.40
N ARG B 77 5.15 15.91 -27.19
CA ARG B 77 3.79 15.80 -26.66
C ARG B 77 3.61 14.58 -25.76
N THR B 78 4.53 13.61 -25.82
CA THR B 78 4.45 12.41 -25.00
C THR B 78 5.74 12.03 -24.31
N GLU B 79 6.90 12.54 -24.75
CA GLU B 79 8.18 12.08 -24.24
C GLU B 79 8.97 13.25 -23.69
N VAL B 80 9.74 12.97 -22.64
CA VAL B 80 10.63 13.92 -22.01
C VAL B 80 12.06 13.48 -22.27
N ALA B 81 12.87 14.37 -22.82
CA ALA B 81 14.27 14.09 -23.07
C ALA B 81 15.10 15.23 -22.49
N ILE B 82 15.92 14.92 -21.49
CA ILE B 82 16.74 15.92 -20.81
C ILE B 82 18.19 15.47 -20.88
N PHE B 83 19.06 16.32 -21.41
CA PHE B 83 20.46 15.99 -21.58
C PHE B 83 21.22 16.36 -20.31
N VAL B 84 21.88 15.37 -19.72
CA VAL B 84 22.49 15.50 -18.40
C VAL B 84 24.00 15.46 -18.56
N ILE B 85 24.66 16.51 -18.09
CA ILE B 85 26.12 16.56 -18.06
C ILE B 85 26.50 16.19 -16.63
N GLY B 86 26.77 14.92 -16.42
CA GLY B 86 27.12 14.42 -15.10
C GLY B 86 28.58 14.58 -14.79
N PRO B 87 28.94 14.28 -13.54
CA PRO B 87 30.35 14.41 -13.14
C PRO B 87 31.30 13.50 -13.90
N THR B 88 30.87 12.28 -14.23
CA THR B 88 31.74 11.30 -14.84
C THR B 88 31.35 10.91 -16.26
N GLN B 89 30.17 11.32 -16.74
CA GLN B 89 29.76 11.04 -18.11
C GLN B 89 28.53 11.86 -18.44
N PHE B 90 28.12 11.80 -19.70
CA PHE B 90 26.85 12.33 -20.15
C PHE B 90 25.76 11.30 -19.92
N LYS B 91 24.54 11.78 -19.73
CA LYS B 91 23.40 10.90 -19.47
C LYS B 91 22.15 11.54 -20.05
N LEU B 92 21.21 10.71 -20.48
CA LEU B 92 19.96 11.19 -21.06
C LEU B 92 18.79 10.69 -20.22
N LEU B 93 17.97 11.63 -19.74
CA LEU B 93 16.72 11.30 -19.07
C LEU B 93 15.62 11.22 -20.12
N PHE B 94 15.16 10.00 -20.41
CA PHE B 94 14.18 9.76 -21.45
C PHE B 94 13.07 8.88 -20.89
N PHE B 95 11.84 9.38 -20.91
CA PHE B 95 10.73 8.62 -20.38
C PHE B 95 9.42 9.20 -20.86
N GLN B 96 8.37 8.40 -20.78
CA GLN B 96 7.02 8.87 -21.07
C GLN B 96 6.26 9.01 -19.76
N PRO B 97 6.01 10.22 -19.27
CA PRO B 97 5.27 10.38 -18.01
C PRO B 97 3.81 10.00 -18.15
N ILE B 98 3.21 9.72 -17.00
CA ILE B 98 1.76 9.54 -16.90
C ILE B 98 1.23 10.61 -15.96
N PRO B 99 0.43 11.57 -16.43
CA PRO B 99 -0.07 11.72 -17.80
C PRO B 99 0.93 12.40 -18.73
N ASP B 100 0.47 12.86 -19.89
CA ASP B 100 1.33 13.50 -20.88
C ASP B 100 1.85 14.83 -20.35
N PRO B 101 2.96 15.34 -20.91
CA PRO B 101 3.58 16.55 -20.36
C PRO B 101 2.64 17.74 -20.25
N ALA B 102 1.74 17.93 -21.22
CA ALA B 102 0.80 19.05 -21.14
C ALA B 102 -0.12 18.91 -19.94
N SER B 103 -0.64 17.70 -19.70
CA SER B 103 -1.48 17.47 -18.53
C SER B 103 -0.67 17.61 -17.24
N CYS B 104 0.60 17.20 -17.25
CA CYS B 104 1.48 17.44 -16.10
C CYS B 104 1.61 18.93 -15.82
N PHE B 105 1.74 19.74 -16.87
CA PHE B 105 1.86 21.18 -16.69
C PHE B 105 0.59 21.77 -16.08
N ALA B 106 -0.58 21.35 -16.58
CA ALA B 106 -1.85 21.88 -16.08
C ALA B 106 -2.06 21.47 -14.63
N ALA B 107 -1.73 20.23 -14.27
CA ALA B 107 -1.99 19.76 -12.91
C ALA B 107 -1.17 20.52 -11.88
N LEU B 108 0.09 20.82 -12.21
CA LEU B 108 0.95 21.49 -11.24
C LEU B 108 0.65 22.98 -11.12
N GLY B 109 0.22 23.61 -12.20
CA GLY B 109 -0.10 25.04 -12.18
C GLY B 109 1.07 25.92 -11.78
N LEU B 110 2.27 25.60 -12.26
CA LEU B 110 3.47 26.34 -11.90
C LEU B 110 4.12 26.89 -13.16
N THR B 111 4.73 28.07 -13.03
CA THR B 111 5.49 28.65 -14.12
C THR B 111 6.79 27.87 -14.33
N ILE B 112 7.45 28.15 -15.47
CA ILE B 112 8.68 27.45 -15.79
C ILE B 112 9.76 27.74 -14.74
N GLU B 113 9.80 28.99 -14.25
CA GLU B 113 10.82 29.35 -13.26
C GLU B 113 10.62 28.61 -11.95
N GLU B 114 9.36 28.49 -11.50
CA GLU B 114 9.10 27.77 -10.25
C GLU B 114 9.49 26.31 -10.38
N LEU B 115 9.19 25.69 -11.52
CA LEU B 115 9.52 24.28 -11.74
C LEU B 115 11.02 24.05 -11.67
N LYS B 116 11.80 24.93 -12.29
CA LYS B 116 13.25 24.78 -12.25
C LYS B 116 13.78 24.90 -10.82
N HIS B 117 13.32 25.91 -10.08
CA HIS B 117 13.77 26.07 -8.71
C HIS B 117 13.37 24.88 -7.85
N ARG B 118 12.12 24.43 -7.99
CA ARG B 118 11.65 23.30 -7.19
C ARG B 118 12.40 22.02 -7.53
N LEU B 119 12.62 21.75 -8.83
CA LEU B 119 13.27 20.51 -9.22
C LEU B 119 14.76 20.52 -8.88
N GLU B 120 15.43 21.65 -9.08
CA GLU B 120 16.84 21.75 -8.74
C GLU B 120 17.07 21.56 -7.25
N LYS B 121 16.22 22.17 -6.41
CA LYS B 121 16.34 21.98 -4.97
C LYS B 121 16.14 20.53 -4.57
N THR B 122 15.11 19.88 -5.12
CA THR B 122 14.88 18.47 -4.84
C THR B 122 16.04 17.61 -5.30
N LEU B 123 16.59 17.90 -6.49
CA LEU B 123 17.69 17.09 -7.01
C LEU B 123 18.95 17.28 -6.19
N GLN B 124 19.25 18.52 -5.80
CA GLN B 124 20.48 18.80 -5.06
C GLN B 124 20.49 18.06 -3.73
N GLU B 125 19.35 18.02 -3.04
CA GLU B 125 19.26 17.30 -1.78
C GLU B 125 19.46 15.80 -1.98
N LYS B 126 18.90 15.23 -3.05
CA LYS B 126 19.04 13.80 -3.27
C LYS B 126 20.46 13.44 -3.68
N LEU B 127 21.03 14.16 -4.64
CA LEU B 127 22.38 13.86 -5.09
C LEU B 127 23.41 14.27 -4.03
N ALA B 128 23.23 15.43 -3.42
CA ALA B 128 24.14 15.94 -2.39
C ALA B 128 25.57 16.00 -2.88
N PRO C 1 -23.64 5.93 -15.91
CA PRO C 1 -23.58 4.61 -16.54
C PRO C 1 -24.25 3.55 -15.67
N TRP C 2 -25.41 3.04 -16.12
CA TRP C 2 -26.18 2.13 -15.27
C TRP C 2 -25.43 0.85 -14.97
N ARG C 3 -24.59 0.38 -15.89
CA ARG C 3 -23.79 -0.81 -15.62
C ARG C 3 -22.87 -0.60 -14.43
N TYR C 4 -22.22 0.56 -14.34
CA TYR C 4 -21.33 0.81 -13.21
C TYR C 4 -22.11 1.02 -11.91
N ARG C 5 -23.29 1.63 -11.98
CA ARG C 5 -24.11 1.82 -10.79
C ARG C 5 -24.51 0.48 -10.19
N LEU C 6 -24.84 -0.49 -11.05
CA LEU C 6 -25.24 -1.81 -10.57
C LEU C 6 -24.10 -2.49 -9.81
N ASP C 7 -22.87 -2.38 -10.31
CA ASP C 7 -21.74 -2.96 -9.61
C ASP C 7 -21.56 -2.31 -8.25
N GLN C 8 -21.73 -0.99 -8.17
CA GLN C 8 -21.66 -0.31 -6.88
C GLN C 8 -22.76 -0.79 -5.95
N PHE C 9 -23.98 -0.90 -6.48
CA PHE C 9 -25.10 -1.40 -5.69
C PHE C 9 -24.84 -2.82 -5.20
N THR C 10 -24.20 -3.64 -6.05
CA THR C 10 -23.91 -5.03 -5.68
C THR C 10 -22.97 -5.11 -4.49
N LYS C 11 -21.95 -4.25 -4.45
CA LYS C 11 -21.01 -4.28 -3.34
C LYS C 11 -21.64 -3.72 -2.06
N GLU C 12 -22.33 -2.59 -2.16
CA GLU C 12 -22.90 -1.96 -0.96
C GLU C 12 -23.99 -2.83 -0.34
N GLU C 13 -24.81 -3.48 -1.17
CA GLU C 13 -25.94 -4.28 -0.72
C GLU C 13 -25.68 -5.77 -0.86
N GLN C 14 -24.43 -6.20 -0.63
CA GLN C 14 -24.08 -7.60 -0.84
C GLN C 14 -24.83 -8.53 0.12
N THR C 15 -25.02 -8.10 1.37
CA THR C 15 -25.65 -8.96 2.35
C THR C 15 -27.15 -9.09 2.10
N ALA C 16 -27.82 -7.97 1.82
CA ALA C 16 -29.25 -8.03 1.52
C ALA C 16 -29.51 -8.84 0.24
N LEU C 17 -28.69 -8.60 -0.80
CA LEU C 17 -28.81 -9.40 -2.02
C LEU C 17 -28.49 -10.87 -1.75
N GLY C 18 -27.53 -11.13 -0.87
CA GLY C 18 -27.28 -12.51 -0.46
C GLY C 18 -28.48 -13.10 0.25
N ALA C 19 -29.12 -12.33 1.14
CA ALA C 19 -30.30 -12.82 1.83
C ALA C 19 -31.44 -13.10 0.85
N LEU C 20 -31.66 -12.19 -0.11
CA LEU C 20 -32.71 -12.39 -1.10
C LEU C 20 -32.45 -13.62 -1.96
N ALA C 21 -31.19 -13.82 -2.35
CA ALA C 21 -30.87 -14.95 -3.23
C ALA C 21 -31.11 -16.28 -2.53
N TRP C 22 -30.84 -16.35 -1.23
CA TRP C 22 -31.07 -17.60 -0.49
C TRP C 22 -32.56 -17.91 -0.39
N ALA C 23 -33.36 -16.91 -0.03
CA ALA C 23 -34.80 -17.11 0.06
C ALA C 23 -35.38 -17.51 -1.31
N PHE C 24 -34.89 -16.88 -2.38
CA PHE C 24 -35.33 -17.25 -3.72
C PHE C 24 -34.92 -18.68 -4.04
N TYR C 25 -33.71 -19.08 -3.64
CA TYR C 25 -33.24 -20.44 -3.92
C TYR C 25 -34.11 -21.49 -3.24
N GLN C 26 -34.52 -21.22 -1.99
CA GLN C 26 -35.34 -22.18 -1.27
C GLN C 26 -36.72 -22.37 -1.89
N GLN C 27 -37.20 -21.38 -2.65
CA GLN C 27 -38.45 -21.58 -3.38
C GLN C 27 -38.25 -22.43 -4.64
N TRP C 28 -37.09 -22.34 -5.27
CA TRP C 28 -36.81 -23.04 -6.53
C TRP C 28 -35.48 -23.77 -6.42
N PRO C 29 -35.48 -24.96 -5.80
CA PRO C 29 -34.19 -25.60 -5.49
C PRO C 29 -33.41 -26.06 -6.72
N ALA C 30 -34.09 -26.57 -7.74
CA ALA C 30 -33.42 -27.17 -8.89
C ALA C 30 -33.26 -26.18 -10.05
N LYS C 31 -33.21 -24.89 -9.73
CA LYS C 31 -33.08 -23.83 -10.74
C LYS C 31 -34.22 -23.89 -11.75
N GLU C 32 -35.44 -24.12 -11.27
CA GLU C 32 -36.60 -24.00 -12.13
C GLU C 32 -36.99 -22.54 -12.36
N GLN C 33 -36.49 -21.62 -11.54
CA GLN C 33 -36.69 -20.20 -11.72
C GLN C 33 -35.40 -19.47 -11.38
N TYR C 34 -35.00 -18.54 -12.24
CA TYR C 34 -33.82 -17.70 -12.02
C TYR C 34 -34.25 -16.35 -11.45
N LEU C 35 -33.46 -15.84 -10.50
CA LEU C 35 -33.75 -14.53 -9.93
C LEU C 35 -33.33 -13.44 -10.90
N GLY C 36 -34.26 -12.53 -11.20
CA GLY C 36 -34.01 -11.51 -12.19
C GLY C 36 -34.26 -10.11 -11.68
N LEU C 37 -33.77 -9.12 -12.43
CA LEU C 37 -33.90 -7.72 -12.04
C LEU C 37 -34.22 -6.91 -13.30
N ASP C 38 -35.39 -6.28 -13.30
CA ASP C 38 -35.86 -5.51 -14.45
C ASP C 38 -35.83 -4.03 -14.12
N LEU C 39 -35.22 -3.25 -15.00
CA LEU C 39 -35.02 -1.82 -14.76
C LEU C 39 -36.09 -0.94 -15.40
N HIS C 40 -37.06 -1.52 -16.12
CA HIS C 40 -38.11 -0.75 -16.73
C HIS C 40 -39.48 -1.15 -16.18
N PRO C 41 -40.35 -0.17 -15.86
CA PRO C 41 -40.11 1.28 -15.91
C PRO C 41 -39.28 1.75 -14.73
N GLN C 42 -39.19 0.90 -13.70
CA GLN C 42 -38.38 1.15 -12.53
C GLN C 42 -37.75 -0.18 -12.10
N ALA C 43 -36.66 -0.08 -11.35
CA ALA C 43 -35.95 -1.28 -10.91
C ALA C 43 -36.83 -2.12 -10.01
N HIS C 44 -37.11 -3.35 -10.43
CA HIS C 44 -37.86 -4.29 -9.61
C HIS C 44 -37.39 -5.70 -9.93
N PHE C 45 -37.46 -6.57 -8.93
CA PHE C 45 -37.04 -7.96 -9.09
C PHE C 45 -38.13 -8.78 -9.77
N ILE C 46 -37.71 -9.72 -10.61
CA ILE C 46 -38.60 -10.63 -11.32
C ILE C 46 -38.02 -12.03 -11.26
N SER C 47 -38.85 -13.01 -11.60
CA SER C 47 -38.44 -14.40 -11.68
C SER C 47 -38.49 -14.86 -13.13
N CYS C 48 -37.52 -15.69 -13.52
CA CYS C 48 -37.40 -16.13 -14.89
C CYS C 48 -37.20 -17.64 -14.95
N ALA C 49 -37.88 -18.27 -15.90
CA ALA C 49 -37.66 -19.68 -16.20
C ALA C 49 -36.40 -19.86 -17.04
N PRO C 50 -35.65 -20.94 -16.82
CA PRO C 50 -34.41 -21.13 -17.60
C PRO C 50 -34.65 -21.20 -19.10
N GLN C 51 -35.80 -21.71 -19.52
CA GLN C 51 -36.11 -21.72 -20.95
C GLN C 51 -36.16 -20.31 -21.51
N ALA C 52 -36.67 -19.35 -20.72
CA ALA C 52 -36.75 -17.98 -21.19
C ALA C 52 -35.37 -17.39 -21.47
N ILE C 53 -34.40 -17.69 -20.62
CA ILE C 53 -33.04 -17.22 -20.87
C ILE C 53 -32.43 -17.97 -22.06
N ALA C 54 -32.67 -19.28 -22.14
CA ALA C 54 -32.14 -20.06 -23.25
C ALA C 54 -32.70 -19.57 -24.58
N GLN C 55 -34.01 -19.36 -24.64
CA GLN C 55 -34.61 -18.82 -25.87
C GLN C 55 -34.16 -17.40 -26.13
N LEU C 56 -33.93 -16.62 -25.07
CA LEU C 56 -33.38 -15.27 -25.24
C LEU C 56 -31.98 -15.32 -25.85
N ASN C 57 -31.16 -16.29 -25.43
CA ASN C 57 -29.82 -16.42 -26.00
C ASN C 57 -29.88 -16.72 -27.49
N ASP C 58 -30.88 -17.49 -27.92
CA ASP C 58 -31.05 -17.78 -29.34
C ASP C 58 -31.39 -16.51 -30.13
N GLN C 59 -32.24 -15.65 -29.55
CA GLN C 59 -32.66 -14.43 -30.24
C GLN C 59 -31.48 -13.48 -30.49
N VAL C 60 -30.59 -13.35 -29.50
CA VAL C 60 -29.46 -12.43 -29.60
C VAL C 60 -28.29 -13.11 -30.28
N ASN C 61 -28.52 -14.31 -30.81
CA ASN C 61 -27.50 -15.11 -31.49
C ASN C 61 -26.31 -15.40 -30.56
N GLY C 62 -26.64 -16.05 -29.45
CA GLY C 62 -25.62 -16.47 -28.49
C GLY C 62 -24.84 -15.33 -27.88
N ARG C 63 -25.39 -14.12 -27.86
CA ARG C 63 -24.67 -12.98 -27.34
C ARG C 63 -24.46 -13.07 -25.82
N ILE C 64 -25.24 -13.89 -25.13
CA ILE C 64 -25.15 -14.01 -23.68
C ILE C 64 -24.84 -15.45 -23.29
N GLN C 65 -24.13 -16.18 -24.16
CA GLN C 65 -23.82 -17.58 -23.89
C GLN C 65 -23.03 -17.74 -22.60
N GLU C 66 -22.13 -16.80 -22.31
CA GLU C 66 -21.37 -16.88 -21.06
C GLU C 66 -22.29 -16.80 -19.85
N MET C 67 -23.28 -15.90 -19.88
CA MET C 67 -24.15 -15.70 -18.73
C MET C 67 -25.08 -16.89 -18.52
N VAL C 68 -25.56 -17.50 -19.61
CA VAL C 68 -26.38 -18.69 -19.45
C VAL C 68 -25.55 -19.84 -18.88
N GLY C 69 -24.26 -19.88 -19.20
CA GLY C 69 -23.40 -20.87 -18.59
C GLY C 69 -23.27 -20.67 -17.09
N ILE C 70 -23.06 -19.42 -16.66
CA ILE C 70 -22.98 -19.12 -15.23
C ILE C 70 -24.30 -19.44 -14.54
N LEU C 71 -25.41 -19.06 -15.17
CA LEU C 71 -26.73 -19.32 -14.58
C LEU C 71 -26.98 -20.82 -14.44
N TYR C 72 -26.52 -21.62 -15.40
CA TYR C 72 -26.68 -23.07 -15.29
C TYR C 72 -25.79 -23.64 -14.19
N GLY C 73 -24.55 -23.15 -14.10
CA GLY C 73 -23.54 -23.77 -13.28
C GLY C 73 -23.23 -23.14 -11.93
N TYR C 74 -23.84 -22.01 -11.60
CA TYR C 74 -23.50 -21.38 -10.33
C TYR C 74 -24.07 -22.17 -9.16
N ASP C 75 -23.44 -22.01 -8.00
CA ASP C 75 -23.81 -22.74 -6.81
C ASP C 75 -24.65 -21.84 -5.92
N PRO C 76 -25.96 -22.07 -5.80
CA PRO C 76 -26.79 -21.18 -4.98
C PRO C 76 -26.44 -21.18 -3.51
N ARG C 77 -25.72 -22.19 -3.03
CA ARG C 77 -25.38 -22.23 -1.61
C ARG C 77 -24.35 -21.18 -1.23
N THR C 78 -23.50 -20.77 -2.18
CA THR C 78 -22.46 -19.78 -1.92
C THR C 78 -22.41 -18.63 -2.92
N GLU C 79 -23.06 -18.75 -4.07
CA GLU C 79 -22.94 -17.79 -5.15
C GLU C 79 -24.28 -17.18 -5.48
N VAL C 80 -24.30 -15.86 -5.69
CA VAL C 80 -25.49 -15.13 -6.08
C VAL C 80 -25.39 -14.81 -7.56
N ALA C 81 -26.45 -15.09 -8.31
CA ALA C 81 -26.49 -14.86 -9.75
C ALA C 81 -27.84 -14.24 -10.08
N ILE C 82 -27.83 -12.95 -10.41
CA ILE C 82 -29.05 -12.19 -10.65
C ILE C 82 -29.01 -11.69 -12.09
N PHE C 83 -30.02 -12.05 -12.88
CA PHE C 83 -30.12 -11.63 -14.26
C PHE C 83 -30.74 -10.23 -14.33
N VAL C 84 -30.08 -9.33 -15.03
CA VAL C 84 -30.48 -7.92 -15.09
C VAL C 84 -30.90 -7.59 -16.51
N ILE C 85 -32.15 -7.14 -16.67
CA ILE C 85 -32.65 -6.68 -17.96
C ILE C 85 -32.50 -5.16 -17.96
N GLY C 86 -31.40 -4.69 -18.56
CA GLY C 86 -31.14 -3.28 -18.61
C GLY C 86 -31.89 -2.60 -19.73
N PRO C 87 -31.68 -1.28 -19.84
CA PRO C 87 -32.31 -0.55 -20.95
C PRO C 87 -31.80 -1.02 -22.30
N THR C 88 -30.47 -1.11 -22.46
CA THR C 88 -29.86 -1.49 -23.72
C THR C 88 -29.52 -2.98 -23.78
N GLN C 89 -28.73 -3.46 -22.82
CA GLN C 89 -28.20 -4.81 -22.84
C GLN C 89 -28.63 -5.57 -21.59
N PHE C 90 -28.15 -6.81 -21.50
CA PHE C 90 -28.35 -7.65 -20.33
C PHE C 90 -27.07 -7.68 -19.50
N LYS C 91 -27.25 -7.85 -18.19
CA LYS C 91 -26.13 -7.87 -17.26
C LYS C 91 -26.36 -8.99 -16.26
N LEU C 92 -25.27 -9.51 -15.71
CA LEU C 92 -25.34 -10.56 -14.71
C LEU C 92 -24.58 -10.13 -13.46
N LEU C 93 -25.26 -10.14 -12.32
CA LEU C 93 -24.62 -9.89 -11.03
C LEU C 93 -24.22 -11.24 -10.46
N PHE C 94 -22.93 -11.57 -10.55
CA PHE C 94 -22.39 -12.85 -10.12
C PHE C 94 -21.30 -12.60 -9.08
N PHE C 95 -21.55 -12.99 -7.84
CA PHE C 95 -20.59 -12.73 -6.77
C PHE C 95 -20.83 -13.73 -5.65
N GLN C 96 -19.82 -13.86 -4.78
CA GLN C 96 -19.94 -14.64 -3.56
C GLN C 96 -19.97 -13.70 -2.36
N PRO C 97 -21.09 -13.54 -1.67
CA PRO C 97 -21.12 -12.65 -0.51
C PRO C 97 -20.37 -13.24 0.68
N ILE C 98 -19.99 -12.35 1.58
CA ILE C 98 -19.43 -12.76 2.87
C ILE C 98 -20.32 -12.18 3.96
N PRO C 99 -20.99 -13.01 4.76
CA PRO C 99 -20.96 -14.49 4.77
C PRO C 99 -21.79 -15.11 3.64
N ASP C 100 -22.04 -16.42 3.70
CA ASP C 100 -22.79 -17.12 2.67
C ASP C 100 -24.26 -16.67 2.67
N PRO C 101 -24.99 -16.94 1.59
CA PRO C 101 -26.38 -16.44 1.50
C PRO C 101 -27.27 -16.86 2.65
N ALA C 102 -27.13 -18.11 3.14
CA ALA C 102 -27.92 -18.55 4.28
C ALA C 102 -27.62 -17.71 5.51
N SER C 103 -26.34 -17.40 5.75
CA SER C 103 -25.99 -16.54 6.88
C SER C 103 -26.44 -15.11 6.66
N CYS C 104 -26.41 -14.62 5.41
CA CYS C 104 -26.99 -13.32 5.12
C CYS C 104 -28.48 -13.30 5.43
N PHE C 105 -29.20 -14.36 5.04
CA PHE C 105 -30.63 -14.44 5.29
C PHE C 105 -30.93 -14.48 6.78
N ALA C 106 -30.18 -15.31 7.52
CA ALA C 106 -30.42 -15.42 8.96
C ALA C 106 -30.04 -14.13 9.69
N ALA C 107 -29.01 -13.42 9.21
CA ALA C 107 -28.59 -12.20 9.88
C ALA C 107 -29.63 -11.10 9.72
N LEU C 108 -30.13 -10.91 8.50
CA LEU C 108 -31.05 -9.81 8.25
C LEU C 108 -32.38 -10.01 8.96
N GLY C 109 -32.89 -11.24 8.95
CA GLY C 109 -34.14 -11.55 9.61
C GLY C 109 -35.39 -11.08 8.88
N LEU C 110 -35.27 -10.64 7.64
CA LEU C 110 -36.39 -10.14 6.87
C LEU C 110 -36.94 -11.22 5.95
N THR C 111 -38.21 -11.10 5.62
CA THR C 111 -38.83 -12.03 4.68
C THR C 111 -38.47 -11.63 3.25
N ILE C 112 -38.79 -12.53 2.31
CA ILE C 112 -38.44 -12.30 0.91
C ILE C 112 -39.12 -11.05 0.37
N GLU C 113 -40.33 -10.74 0.85
CA GLU C 113 -41.02 -9.55 0.39
C GLU C 113 -40.41 -8.28 0.97
N GLU C 114 -39.97 -8.33 2.23
CA GLU C 114 -39.30 -7.18 2.83
C GLU C 114 -37.99 -6.88 2.11
N LEU C 115 -37.24 -7.92 1.75
CA LEU C 115 -35.97 -7.72 1.07
C LEU C 115 -36.19 -7.10 -0.31
N LYS C 116 -37.21 -7.54 -1.04
CA LYS C 116 -37.50 -6.97 -2.34
C LYS C 116 -37.84 -5.48 -2.22
N HIS C 117 -38.73 -5.14 -1.27
CA HIS C 117 -39.12 -3.73 -1.11
C HIS C 117 -37.93 -2.87 -0.73
N ARG C 118 -37.11 -3.33 0.21
CA ARG C 118 -35.97 -2.53 0.65
C ARG C 118 -34.94 -2.38 -0.47
N LEU C 119 -34.63 -3.47 -1.17
CA LEU C 119 -33.63 -3.42 -2.24
C LEU C 119 -34.14 -2.64 -3.45
N GLU C 120 -35.41 -2.83 -3.82
CA GLU C 120 -35.93 -2.14 -4.98
C GLU C 120 -35.91 -0.63 -4.79
N LYS C 121 -36.31 -0.17 -3.61
CA LYS C 121 -36.27 1.27 -3.33
C LYS C 121 -34.85 1.81 -3.37
N THR C 122 -33.90 1.07 -2.77
CA THR C 122 -32.51 1.52 -2.75
C THR C 122 -31.96 1.66 -4.16
N LEU C 123 -32.24 0.68 -5.02
CA LEU C 123 -31.73 0.74 -6.40
C LEU C 123 -32.44 1.83 -7.20
N GLN C 124 -33.74 2.02 -6.96
CA GLN C 124 -34.47 3.06 -7.69
C GLN C 124 -33.92 4.44 -7.37
N GLU C 125 -33.56 4.68 -6.12
CA GLU C 125 -32.98 5.97 -5.75
C GLU C 125 -31.63 6.18 -6.43
N LYS C 126 -30.82 5.13 -6.52
CA LYS C 126 -29.49 5.26 -7.10
C LYS C 126 -29.51 5.35 -8.62
N LEU C 127 -30.59 4.91 -9.27
CA LEU C 127 -30.75 5.01 -10.71
C LEU C 127 -31.57 6.21 -11.15
N ALA C 128 -32.27 6.87 -10.22
CA ALA C 128 -33.13 8.02 -10.51
C ALA C 128 -34.14 7.73 -11.63
N PRO D 1 -23.00 22.60 -17.44
CA PRO D 1 -21.82 21.81 -17.82
C PRO D 1 -21.08 21.27 -16.58
N TRP D 2 -21.39 20.03 -16.18
CA TRP D 2 -20.85 19.50 -14.93
C TRP D 2 -19.33 19.36 -14.98
N ARG D 3 -18.77 19.08 -16.15
CA ARG D 3 -17.31 19.00 -16.27
C ARG D 3 -16.66 20.34 -15.96
N TYR D 4 -17.25 21.43 -16.45
CA TYR D 4 -16.72 22.76 -16.16
C TYR D 4 -16.91 23.12 -14.69
N ARG D 5 -18.06 22.76 -14.12
CA ARG D 5 -18.29 23.05 -12.70
C ARG D 5 -17.24 22.35 -11.83
N LEU D 6 -16.92 21.10 -12.15
CA LEU D 6 -15.87 20.40 -11.40
C LEU D 6 -14.50 21.04 -11.60
N ASP D 7 -14.23 21.55 -12.80
CA ASP D 7 -12.97 22.26 -13.03
C ASP D 7 -12.86 23.48 -12.13
N GLN D 8 -13.94 24.27 -12.04
CA GLN D 8 -13.93 25.45 -11.17
C GLN D 8 -13.85 25.04 -9.71
N PHE D 9 -14.54 23.96 -9.35
CA PHE D 9 -14.47 23.44 -7.98
C PHE D 9 -13.03 23.06 -7.62
N THR D 10 -12.31 22.48 -8.58
CA THR D 10 -10.91 22.11 -8.35
C THR D 10 -10.05 23.32 -8.03
N LYS D 11 -10.30 24.44 -8.72
CA LYS D 11 -9.50 25.65 -8.51
C LYS D 11 -9.93 26.40 -7.25
N GLU D 12 -11.24 26.62 -7.10
CA GLU D 12 -11.72 27.46 -6.00
C GLU D 12 -11.51 26.79 -4.64
N GLU D 13 -11.50 25.47 -4.60
CA GLU D 13 -11.44 24.71 -3.35
C GLU D 13 -10.21 23.81 -3.33
N GLN D 14 -9.10 24.27 -3.92
CA GLN D 14 -7.92 23.43 -3.96
C GLN D 14 -7.36 23.17 -2.56
N THR D 15 -7.45 24.15 -1.66
CA THR D 15 -6.93 23.95 -0.30
C THR D 15 -7.75 22.93 0.47
N ALA D 16 -9.08 23.04 0.39
CA ALA D 16 -9.93 22.07 1.08
C ALA D 16 -9.83 20.69 0.47
N LEU D 17 -9.79 20.60 -0.87
CA LEU D 17 -9.63 19.31 -1.52
C LEU D 17 -8.30 18.68 -1.13
N GLY D 18 -7.24 19.48 -1.04
CA GLY D 18 -5.97 18.97 -0.56
C GLY D 18 -6.05 18.47 0.87
N ALA D 19 -6.79 19.19 1.72
CA ALA D 19 -6.97 18.76 3.11
C ALA D 19 -7.74 17.44 3.17
N LEU D 20 -8.81 17.30 2.38
CA LEU D 20 -9.56 16.06 2.36
C LEU D 20 -8.72 14.91 1.84
N ALA D 21 -7.93 15.16 0.79
CA ALA D 21 -7.12 14.10 0.20
C ALA D 21 -6.09 13.59 1.19
N TRP D 22 -5.47 14.48 1.96
CA TRP D 22 -4.51 14.06 2.97
C TRP D 22 -5.19 13.21 4.04
N ALA D 23 -6.36 13.65 4.53
CA ALA D 23 -7.07 12.90 5.56
C ALA D 23 -7.49 11.52 5.06
N PHE D 24 -7.96 11.46 3.81
CA PHE D 24 -8.25 10.16 3.20
C PHE D 24 -6.99 9.33 3.07
N TYR D 25 -5.85 9.98 2.77
CA TYR D 25 -4.58 9.27 2.65
C TYR D 25 -4.16 8.66 3.99
N GLN D 26 -4.42 9.35 5.09
CA GLN D 26 -4.08 8.80 6.40
C GLN D 26 -4.87 7.53 6.67
N GLN D 27 -6.15 7.50 6.29
CA GLN D 27 -6.97 6.31 6.52
C GLN D 27 -6.47 5.12 5.71
N TRP D 28 -5.97 5.35 4.50
CA TRP D 28 -5.54 4.29 3.60
C TRP D 28 -4.15 4.61 3.08
N PRO D 29 -3.13 4.50 3.94
CA PRO D 29 -1.77 4.89 3.52
C PRO D 29 -1.21 4.07 2.38
N ALA D 30 -1.63 2.82 2.23
CA ALA D 30 -1.12 1.95 1.18
C ALA D 30 -1.95 1.99 -0.09
N LYS D 31 -2.81 3.01 -0.24
CA LYS D 31 -3.71 3.12 -1.40
C LYS D 31 -4.64 1.91 -1.48
N GLU D 32 -5.17 1.50 -0.34
CA GLU D 32 -6.21 0.47 -0.34
C GLU D 32 -7.48 0.97 -1.03
N GLN D 33 -7.75 2.27 -0.95
CA GLN D 33 -8.94 2.87 -1.51
C GLN D 33 -8.56 4.15 -2.25
N TYR D 34 -9.31 4.44 -3.31
CA TYR D 34 -9.19 5.71 -4.03
C TYR D 34 -10.32 6.63 -3.58
N LEU D 35 -10.01 7.91 -3.46
CA LEU D 35 -11.03 8.90 -3.11
C LEU D 35 -11.92 9.14 -4.32
N GLY D 36 -13.23 8.95 -4.14
CA GLY D 36 -14.18 9.07 -5.22
C GLY D 36 -15.17 10.19 -4.97
N LEU D 37 -15.87 10.58 -6.03
CA LEU D 37 -16.88 11.64 -5.97
C LEU D 37 -18.02 11.27 -6.91
N ASP D 38 -19.11 10.77 -6.35
CA ASP D 38 -20.30 10.37 -7.10
C ASP D 38 -21.28 11.53 -7.12
N LEU D 39 -21.77 11.88 -8.31
CA LEU D 39 -22.65 13.02 -8.48
C LEU D 39 -24.14 12.66 -8.44
N HIS D 40 -24.49 11.38 -8.41
CA HIS D 40 -25.88 10.94 -8.36
C HIS D 40 -26.15 10.09 -7.14
N PRO D 41 -27.29 10.29 -6.45
CA PRO D 41 -28.35 11.28 -6.71
C PRO D 41 -27.91 12.69 -6.34
N GLN D 42 -27.13 12.81 -5.26
CA GLN D 42 -26.56 14.06 -4.81
C GLN D 42 -25.05 13.92 -4.74
N ALA D 43 -24.34 15.03 -4.92
CA ALA D 43 -22.88 14.99 -4.89
C ALA D 43 -22.38 14.55 -3.52
N HIS D 44 -21.53 13.52 -3.51
CA HIS D 44 -21.02 12.98 -2.27
C HIS D 44 -19.74 12.20 -2.53
N PHE D 45 -18.84 12.22 -1.56
CA PHE D 45 -17.58 11.51 -1.67
C PHE D 45 -17.76 10.04 -1.33
N ILE D 46 -17.00 9.18 -2.01
CA ILE D 46 -17.04 7.74 -1.80
C ILE D 46 -15.61 7.21 -1.78
N SER D 47 -15.49 5.92 -1.44
CA SER D 47 -14.23 5.20 -1.47
C SER D 47 -14.28 4.16 -2.58
N CYS D 48 -13.28 4.17 -3.45
CA CYS D 48 -13.22 3.28 -4.60
C CYS D 48 -12.03 2.34 -4.46
N ALA D 49 -12.29 1.04 -4.52
CA ALA D 49 -11.21 0.06 -4.51
C ALA D 49 -10.52 0.02 -5.86
N PRO D 50 -9.21 -0.23 -5.88
CA PRO D 50 -8.49 -0.27 -7.17
C PRO D 50 -9.03 -1.32 -8.12
N GLN D 51 -9.45 -2.48 -7.62
CA GLN D 51 -10.14 -3.44 -8.48
C GLN D 51 -11.44 -2.84 -9.00
N ALA D 52 -12.11 -2.02 -8.17
CA ALA D 52 -13.37 -1.41 -8.58
C ALA D 52 -13.16 -0.49 -9.77
N ILE D 53 -12.02 0.19 -9.84
CA ILE D 53 -11.71 1.00 -11.02
C ILE D 53 -11.29 0.09 -12.18
N ALA D 54 -10.68 -1.06 -11.88
CA ALA D 54 -10.05 -1.86 -12.94
C ALA D 54 -11.07 -2.59 -13.81
N GLN D 55 -12.02 -3.34 -13.20
CA GLN D 55 -13.09 -4.00 -13.98
C GLN D 55 -14.05 -2.98 -14.59
N LEU D 56 -14.08 -1.76 -14.07
CA LEU D 56 -14.79 -0.69 -14.77
C LEU D 56 -14.08 -0.30 -16.05
N ASN D 57 -12.75 -0.43 -16.09
CA ASN D 57 -12.01 -0.03 -17.28
C ASN D 57 -12.37 -0.91 -18.47
N ASP D 58 -12.40 -2.23 -18.27
CA ASP D 58 -12.69 -3.15 -19.37
C ASP D 58 -14.18 -3.22 -19.69
N GLN D 59 -15.06 -2.75 -18.79
CA GLN D 59 -16.47 -2.65 -19.11
C GLN D 59 -16.72 -1.60 -20.20
N VAL D 60 -15.93 -0.53 -20.21
CA VAL D 60 -16.04 0.51 -21.22
C VAL D 60 -14.93 0.38 -22.28
N ASN D 61 -14.32 -0.80 -22.40
CA ASN D 61 -13.25 -1.06 -23.36
C ASN D 61 -12.08 -0.11 -23.19
N GLY D 62 -11.71 0.14 -21.93
CA GLY D 62 -10.50 0.89 -21.64
C GLY D 62 -10.49 2.31 -22.16
N ARG D 63 -11.64 2.98 -22.19
CA ARG D 63 -11.65 4.37 -22.61
C ARG D 63 -11.22 5.32 -21.50
N ILE D 64 -11.01 4.81 -20.28
CA ILE D 64 -10.47 5.60 -19.17
C ILE D 64 -9.10 5.06 -18.77
N GLN D 65 -8.35 4.54 -19.74
CA GLN D 65 -7.07 3.89 -19.45
C GLN D 65 -6.11 4.85 -18.74
N GLU D 66 -5.96 6.06 -19.27
CA GLU D 66 -5.05 7.03 -18.66
C GLU D 66 -5.48 7.40 -17.25
N MET D 67 -6.79 7.37 -16.99
CA MET D 67 -7.30 7.63 -15.65
C MET D 67 -6.81 6.58 -14.65
N VAL D 68 -6.78 5.31 -15.08
CA VAL D 68 -6.31 4.25 -14.19
C VAL D 68 -4.83 4.42 -13.88
N GLY D 69 -4.02 4.72 -14.90
CA GLY D 69 -2.59 4.82 -14.70
C GLY D 69 -2.21 5.93 -13.73
N ILE D 70 -2.89 7.08 -13.84
CA ILE D 70 -2.63 8.18 -12.92
C ILE D 70 -2.96 7.79 -11.50
N LEU D 71 -4.10 7.11 -11.31
CA LEU D 71 -4.51 6.68 -9.98
C LEU D 71 -3.49 5.74 -9.36
N TYR D 72 -2.93 4.84 -10.16
CA TYR D 72 -1.93 3.92 -9.65
C TYR D 72 -0.64 4.65 -9.29
N GLY D 73 -0.26 5.65 -10.08
CA GLY D 73 1.05 6.25 -9.94
C GLY D 73 1.16 7.55 -9.18
N TYR D 74 0.05 8.15 -8.73
CA TYR D 74 0.14 9.45 -8.10
C TYR D 74 0.72 9.33 -6.70
N ASP D 75 1.42 10.38 -6.28
CA ASP D 75 2.03 10.43 -4.96
C ASP D 75 1.11 11.16 -4.01
N PRO D 76 0.45 10.48 -3.07
CA PRO D 76 -0.50 11.16 -2.19
C PRO D 76 0.13 12.21 -1.30
N ARG D 77 1.45 12.16 -1.09
CA ARG D 77 2.12 13.16 -0.27
C ARG D 77 2.09 14.54 -0.90
N THR D 78 1.94 14.64 -2.23
CA THR D 78 1.95 15.92 -2.92
C THR D 78 0.81 16.11 -3.92
N GLU D 79 0.10 15.05 -4.29
CA GLU D 79 -0.85 15.13 -5.39
C GLU D 79 -2.23 14.64 -4.98
N VAL D 80 -3.25 15.26 -5.56
CA VAL D 80 -4.65 14.93 -5.31
C VAL D 80 -5.18 14.22 -6.55
N ALA D 81 -5.79 13.06 -6.35
CA ALA D 81 -6.39 12.28 -7.45
C ALA D 81 -7.75 11.80 -7.00
N ILE D 82 -8.81 12.43 -7.49
CA ILE D 82 -10.18 12.10 -7.11
C ILE D 82 -10.94 11.65 -8.35
N PHE D 83 -11.56 10.47 -8.26
CA PHE D 83 -12.31 9.88 -9.36
C PHE D 83 -13.76 10.36 -9.28
N VAL D 84 -14.26 10.92 -10.39
CA VAL D 84 -15.57 11.56 -10.42
C VAL D 84 -16.51 10.76 -11.30
N ILE D 85 -17.66 10.40 -10.77
CA ILE D 85 -18.68 9.63 -11.47
C ILE D 85 -19.77 10.62 -11.88
N GLY D 86 -19.73 11.07 -13.12
CA GLY D 86 -20.72 11.97 -13.64
C GLY D 86 -21.92 11.23 -14.15
N PRO D 87 -22.92 11.96 -14.64
CA PRO D 87 -24.12 11.28 -15.18
C PRO D 87 -23.82 10.46 -16.42
N THR D 88 -23.04 11.02 -17.34
CA THR D 88 -22.74 10.40 -18.63
C THR D 88 -21.42 9.64 -18.63
N GLN D 89 -20.37 10.21 -18.05
CA GLN D 89 -19.04 9.64 -18.14
C GLN D 89 -18.28 9.98 -16.87
N PHE D 90 -17.01 9.57 -16.84
CA PHE D 90 -16.15 9.72 -15.68
C PHE D 90 -15.14 10.83 -15.91
N LYS D 91 -14.53 11.28 -14.82
CA LYS D 91 -13.59 12.39 -14.86
C LYS D 91 -12.64 12.25 -13.69
N LEU D 92 -11.40 12.68 -13.88
CA LEU D 92 -10.38 12.61 -12.85
C LEU D 92 -9.90 14.01 -12.50
N LEU D 93 -10.07 14.39 -11.24
CA LEU D 93 -9.47 15.61 -10.70
C LEU D 93 -8.03 15.28 -10.31
N PHE D 94 -7.06 15.89 -10.99
CA PHE D 94 -5.65 15.61 -10.78
C PHE D 94 -4.89 16.92 -10.74
N PHE D 95 -4.31 17.26 -9.59
CA PHE D 95 -3.57 18.50 -9.45
C PHE D 95 -2.63 18.40 -8.25
N GLN D 96 -1.64 19.30 -8.23
CA GLN D 96 -0.76 19.45 -7.08
C GLN D 96 -1.20 20.69 -6.31
N PRO D 97 -1.77 20.55 -5.11
CA PRO D 97 -2.20 21.72 -4.36
C PRO D 97 -1.00 22.52 -3.87
N ILE D 98 -1.26 23.80 -3.61
CA ILE D 98 -0.29 24.69 -2.98
C ILE D 98 -0.96 25.23 -1.72
N PRO D 99 -0.47 24.89 -0.52
CA PRO D 99 0.68 24.02 -0.24
C PRO D 99 0.35 22.52 -0.32
N ASP D 100 1.21 21.68 0.24
CA ASP D 100 1.05 20.24 0.16
C ASP D 100 -0.21 19.81 0.93
N PRO D 101 -0.75 18.62 0.61
CA PRO D 101 -1.97 18.16 1.29
C PRO D 101 -1.88 18.13 2.81
N ALA D 102 -0.74 17.72 3.37
CA ALA D 102 -0.59 17.74 4.82
C ALA D 102 -0.73 19.16 5.36
N SER D 103 -0.07 20.12 4.71
CA SER D 103 -0.20 21.52 5.13
C SER D 103 -1.62 22.03 4.89
N CYS D 104 -2.31 21.50 3.89
CA CYS D 104 -3.70 21.87 3.68
C CYS D 104 -4.58 21.42 4.84
N PHE D 105 -4.32 20.22 5.38
CA PHE D 105 -5.09 19.74 6.51
C PHE D 105 -4.90 20.63 7.73
N ALA D 106 -3.66 21.05 7.99
CA ALA D 106 -3.40 21.90 9.15
C ALA D 106 -4.02 23.28 8.99
N ALA D 107 -4.07 23.81 7.76
CA ALA D 107 -4.64 25.13 7.55
C ALA D 107 -6.13 25.15 7.87
N LEU D 108 -6.86 24.09 7.53
CA LEU D 108 -8.30 24.10 7.73
C LEU D 108 -8.68 23.70 9.15
N GLY D 109 -7.93 22.79 9.76
CA GLY D 109 -8.24 22.35 11.11
C GLY D 109 -9.59 21.68 11.24
N LEU D 110 -9.98 20.89 10.25
CA LEU D 110 -11.26 20.20 10.24
C LEU D 110 -11.02 18.69 10.24
N THR D 111 -11.99 17.96 10.78
CA THR D 111 -11.96 16.51 10.65
C THR D 111 -12.36 16.13 9.23
N ILE D 112 -12.14 14.85 8.89
CA ILE D 112 -12.46 14.40 7.55
C ILE D 112 -13.97 14.48 7.30
N GLU D 113 -14.78 14.22 8.33
CA GLU D 113 -16.23 14.33 8.18
C GLU D 113 -16.66 15.76 7.89
N GLU D 114 -16.07 16.74 8.57
CA GLU D 114 -16.42 18.13 8.32
C GLU D 114 -15.97 18.57 6.93
N LEU D 115 -14.84 18.07 6.46
CA LEU D 115 -14.38 18.39 5.11
C LEU D 115 -15.37 17.87 4.06
N LYS D 116 -15.89 16.66 4.26
CA LYS D 116 -16.85 16.12 3.31
C LYS D 116 -18.13 16.94 3.28
N HIS D 117 -18.68 17.25 4.47
CA HIS D 117 -19.91 18.01 4.51
C HIS D 117 -19.73 19.39 3.86
N ARG D 118 -18.61 20.05 4.17
CA ARG D 118 -18.37 21.37 3.61
C ARG D 118 -18.17 21.32 2.10
N LEU D 119 -17.40 20.35 1.60
CA LEU D 119 -17.15 20.27 0.18
C LEU D 119 -18.39 19.84 -0.60
N GLU D 120 -19.12 18.84 -0.09
CA GLU D 120 -20.33 18.41 -0.78
C GLU D 120 -21.38 19.51 -0.79
N LYS D 121 -21.43 20.31 0.27
CA LYS D 121 -22.34 21.46 0.30
C LYS D 121 -22.00 22.47 -0.80
N THR D 122 -20.72 22.83 -0.91
CA THR D 122 -20.34 23.83 -1.91
C THR D 122 -20.53 23.28 -3.33
N LEU D 123 -20.29 21.98 -3.53
CA LEU D 123 -20.44 21.40 -4.86
C LEU D 123 -21.91 21.20 -5.22
N GLN D 124 -22.75 20.87 -4.25
CA GLN D 124 -24.18 20.70 -4.54
C GLN D 124 -24.80 22.00 -5.01
N GLU D 125 -24.40 23.13 -4.40
CA GLU D 125 -24.91 24.42 -4.83
C GLU D 125 -24.50 24.75 -6.26
N LYS D 126 -23.32 24.31 -6.68
CA LYS D 126 -22.81 24.64 -8.00
C LYS D 126 -23.29 23.69 -9.08
N LEU D 127 -23.92 22.58 -8.72
CA LEU D 127 -24.45 21.63 -9.69
C LEU D 127 -25.96 21.72 -9.83
N ALA D 128 -26.69 21.70 -8.71
CA ALA D 128 -28.15 21.72 -8.68
C ALA D 128 -28.76 20.58 -9.50
N PRO E 1 -10.95 -19.12 25.81
CA PRO E 1 -9.68 -19.05 25.08
C PRO E 1 -8.59 -18.34 25.87
N TRP E 2 -7.78 -19.12 26.58
CA TRP E 2 -6.74 -18.55 27.43
C TRP E 2 -5.67 -17.84 26.62
N ARG E 3 -5.41 -18.31 25.39
CA ARG E 3 -4.35 -17.72 24.58
C ARG E 3 -4.67 -16.29 24.18
N TYR E 4 -5.93 -16.01 23.82
CA TYR E 4 -6.33 -14.65 23.50
C TYR E 4 -6.24 -13.75 24.73
N ARG E 5 -6.66 -14.26 25.89
CA ARG E 5 -6.55 -13.47 27.12
C ARG E 5 -5.11 -13.14 27.42
N LEU E 6 -4.22 -14.13 27.24
CA LEU E 6 -2.80 -13.93 27.53
C LEU E 6 -2.17 -12.91 26.59
N ASP E 7 -2.53 -12.96 25.31
CA ASP E 7 -2.00 -11.97 24.37
C ASP E 7 -2.45 -10.56 24.74
N GLN E 8 -3.74 -10.41 25.08
CA GLN E 8 -4.24 -9.09 25.46
C GLN E 8 -3.63 -8.62 26.77
N PHE E 9 -3.41 -9.54 27.71
CA PHE E 9 -2.68 -9.18 28.93
C PHE E 9 -1.28 -8.69 28.60
N THR E 10 -0.65 -9.28 27.58
CA THR E 10 0.68 -8.85 27.18
C THR E 10 0.67 -7.42 26.66
N LYS E 11 -0.33 -7.07 25.85
CA LYS E 11 -0.42 -5.71 25.32
C LYS E 11 -0.74 -4.71 26.43
N GLU E 12 -1.76 -5.01 27.24
CA GLU E 12 -2.20 -4.08 28.26
C GLU E 12 -1.11 -3.82 29.30
N GLU E 13 -0.34 -4.86 29.65
CA GLU E 13 0.65 -4.77 30.71
C GLU E 13 2.08 -4.78 30.18
N GLN E 14 2.29 -4.26 28.96
CA GLN E 14 3.61 -4.32 28.36
C GLN E 14 4.66 -3.56 29.17
N THR E 15 4.27 -2.46 29.83
CA THR E 15 5.22 -1.73 30.64
C THR E 15 5.64 -2.54 31.86
N ALA E 16 4.68 -3.08 32.61
CA ALA E 16 5.00 -3.87 33.80
C ALA E 16 5.75 -5.13 33.42
N LEU E 17 5.33 -5.80 32.35
CA LEU E 17 6.06 -6.99 31.90
C LEU E 17 7.49 -6.62 31.51
N GLY E 18 7.66 -5.49 30.84
CA GLY E 18 9.01 -5.02 30.54
C GLY E 18 9.82 -4.75 31.79
N ALA E 19 9.20 -4.13 32.80
CA ALA E 19 9.90 -3.84 34.04
C ALA E 19 10.33 -5.12 34.75
N LEU E 20 9.44 -6.11 34.80
CA LEU E 20 9.79 -7.39 35.41
C LEU E 20 10.90 -8.08 34.64
N ALA E 21 10.84 -8.04 33.31
CA ALA E 21 11.87 -8.68 32.49
C ALA E 21 13.23 -8.06 32.72
N TRP E 22 13.29 -6.73 32.84
CA TRP E 22 14.56 -6.06 33.10
C TRP E 22 15.12 -6.46 34.47
N ALA E 23 14.26 -6.49 35.50
CA ALA E 23 14.70 -6.90 36.83
C ALA E 23 15.19 -8.34 36.83
N PHE E 24 14.47 -9.23 36.15
CA PHE E 24 14.94 -10.60 36.01
C PHE E 24 16.26 -10.66 35.24
N TYR E 25 16.39 -9.82 34.22
CA TYR E 25 17.64 -9.78 33.45
C TYR E 25 18.81 -9.31 34.30
N GLN E 26 18.56 -8.37 35.22
CA GLN E 26 19.62 -7.94 36.13
C GLN E 26 20.08 -9.08 37.02
N GLN E 27 19.16 -9.90 37.51
CA GLN E 27 19.54 -11.02 38.37
C GLN E 27 20.29 -12.10 37.60
N TRP E 28 20.06 -12.21 36.30
CA TRP E 28 20.70 -13.24 35.47
C TRP E 28 21.28 -12.58 34.22
N PRO E 29 22.38 -11.83 34.37
CA PRO E 29 22.91 -11.07 33.22
C PRO E 29 23.31 -11.92 32.04
N ALA E 30 23.79 -13.15 32.26
CA ALA E 30 24.17 -14.03 31.18
C ALA E 30 23.05 -14.96 30.74
N LYS E 31 21.81 -14.62 31.07
CA LYS E 31 20.64 -15.44 30.76
C LYS E 31 20.81 -16.87 31.30
N GLU E 32 21.36 -16.97 32.51
CA GLU E 32 21.42 -18.25 33.19
C GLU E 32 20.04 -18.79 33.50
N GLN E 33 19.03 -17.92 33.54
CA GLN E 33 17.65 -18.33 33.78
C GLN E 33 16.74 -17.61 32.80
N TYR E 34 15.61 -18.24 32.49
CA TYR E 34 14.58 -17.65 31.66
C TYR E 34 13.36 -17.34 32.51
N LEU E 35 12.72 -16.21 32.23
CA LEU E 35 11.48 -15.88 32.93
C LEU E 35 10.36 -16.77 32.44
N GLY E 36 9.67 -17.44 33.37
CA GLY E 36 8.62 -18.36 33.00
C GLY E 36 7.31 -18.02 33.67
N LEU E 37 6.21 -18.56 33.14
CA LEU E 37 4.88 -18.26 33.63
C LEU E 37 4.08 -19.56 33.63
N ASP E 38 3.86 -20.11 34.82
CA ASP E 38 3.07 -21.33 34.99
C ASP E 38 1.65 -20.92 35.35
N LEU E 39 0.69 -21.39 34.57
CA LEU E 39 -0.71 -21.06 34.77
C LEU E 39 -1.41 -21.97 35.76
N HIS E 40 -0.71 -22.96 36.32
CA HIS E 40 -1.31 -23.89 37.25
C HIS E 40 -0.46 -23.98 38.52
N PRO E 41 -1.09 -24.06 39.71
CA PRO E 41 -2.54 -24.05 39.98
C PRO E 41 -3.13 -22.66 39.76
N GLN E 42 -2.38 -21.64 40.16
CA GLN E 42 -2.70 -20.25 39.91
C GLN E 42 -1.63 -19.67 39.00
N ALA E 43 -2.00 -18.67 38.21
CA ALA E 43 -1.02 -18.01 37.35
C ALA E 43 0.08 -17.38 38.20
N HIS E 44 1.30 -17.91 38.09
CA HIS E 44 2.43 -17.37 38.83
C HIS E 44 3.68 -17.47 37.97
N PHE E 45 4.67 -16.64 38.30
CA PHE E 45 5.92 -16.61 37.57
C PHE E 45 6.90 -17.63 38.12
N ILE E 46 7.71 -18.19 37.24
CA ILE E 46 8.72 -19.19 37.59
C ILE E 46 10.03 -18.83 36.90
N SER E 47 11.10 -19.48 37.33
CA SER E 47 12.42 -19.37 36.73
C SER E 47 12.76 -20.67 36.04
N CYS E 48 13.23 -20.59 34.79
CA CYS E 48 13.54 -21.75 33.98
C CYS E 48 14.99 -21.71 33.55
N ALA E 49 15.74 -22.81 33.81
CA ALA E 49 17.11 -22.88 33.33
C ALA E 49 17.15 -23.39 31.89
N PRO E 50 18.14 -22.95 31.10
CA PRO E 50 18.25 -23.46 29.73
C PRO E 50 18.41 -24.96 29.66
N GLN E 51 19.14 -25.57 30.60
CA GLN E 51 19.31 -27.01 30.58
C GLN E 51 17.97 -27.71 30.75
N ALA E 52 17.11 -27.19 31.64
CA ALA E 52 15.77 -27.74 31.78
C ALA E 52 14.93 -27.50 30.54
N ILE E 53 15.03 -26.30 29.95
CA ILE E 53 14.29 -25.99 28.74
C ILE E 53 14.75 -26.88 27.59
N ALA E 54 16.06 -27.07 27.48
CA ALA E 54 16.59 -28.05 26.54
C ALA E 54 16.13 -29.46 26.90
N GLN E 55 16.13 -29.80 28.19
CA GLN E 55 15.63 -31.11 28.60
C GLN E 55 14.13 -31.24 28.32
N LEU E 56 13.38 -30.15 28.46
CA LEU E 56 11.95 -30.21 28.17
C LEU E 56 11.68 -30.37 26.68
N ASN E 57 12.57 -29.83 25.83
CA ASN E 57 12.39 -29.95 24.39
C ASN E 57 12.58 -31.39 23.93
N ASP E 58 13.51 -32.12 24.55
CA ASP E 58 13.74 -33.51 24.14
C ASP E 58 12.58 -34.41 24.54
N GLN E 59 12.07 -34.24 25.76
CA GLN E 59 10.99 -35.11 26.22
C GLN E 59 9.71 -34.89 25.40
N VAL E 60 9.51 -33.69 24.87
CA VAL E 60 8.34 -33.37 24.07
C VAL E 60 8.66 -33.57 22.59
N ASN E 61 9.85 -34.12 22.31
CA ASN E 61 10.30 -34.42 20.96
C ASN E 61 10.31 -33.17 20.07
N GLY E 62 10.94 -32.12 20.59
CA GLY E 62 11.16 -30.91 19.81
C GLY E 62 9.91 -30.16 19.41
N ARG E 63 8.91 -30.13 20.29
CA ARG E 63 7.68 -29.40 20.00
C ARG E 63 7.83 -27.90 20.25
N ILE E 64 8.85 -27.48 20.98
CA ILE E 64 9.06 -26.08 21.33
C ILE E 64 10.43 -25.62 20.82
N GLN E 65 10.87 -26.18 19.70
CA GLN E 65 12.20 -25.88 19.20
C GLN E 65 12.37 -24.39 18.89
N GLU E 66 11.39 -23.80 18.21
CA GLU E 66 11.48 -22.38 17.89
C GLU E 66 11.51 -21.54 19.16
N MET E 67 10.70 -21.91 20.15
CA MET E 67 10.69 -21.18 21.41
C MET E 67 12.05 -21.27 22.10
N VAL E 68 12.70 -22.43 22.02
CA VAL E 68 14.05 -22.55 22.58
C VAL E 68 15.02 -21.64 21.85
N GLY E 69 14.94 -21.58 20.52
CA GLY E 69 15.83 -20.72 19.77
C GLY E 69 15.64 -19.24 20.11
N ILE E 70 14.39 -18.81 20.27
CA ILE E 70 14.11 -17.42 20.63
C ILE E 70 14.69 -17.10 22.00
N LEU E 71 14.53 -18.01 22.96
CA LEU E 71 15.08 -17.79 24.29
C LEU E 71 16.60 -17.64 24.24
N TYR E 72 17.26 -18.45 23.41
CA TYR E 72 18.71 -18.31 23.24
C TYR E 72 19.06 -16.96 22.62
N GLY E 73 18.31 -16.53 21.62
CA GLY E 73 18.72 -15.40 20.82
C GLY E 73 18.19 -14.03 21.20
N TYR E 74 17.12 -13.94 21.98
CA TYR E 74 16.47 -12.66 22.21
C TYR E 74 17.38 -11.75 23.03
N ASP E 75 17.36 -10.45 22.68
CA ASP E 75 18.17 -9.46 23.37
C ASP E 75 17.38 -8.91 24.53
N PRO E 76 17.74 -9.21 25.78
CA PRO E 76 16.93 -8.76 26.92
C PRO E 76 16.91 -7.25 27.08
N ARG E 77 17.86 -6.53 26.49
CA ARG E 77 17.86 -5.07 26.59
C ARG E 77 16.72 -4.43 25.81
N THR E 78 16.15 -5.12 24.82
CA THR E 78 15.02 -4.60 24.05
C THR E 78 13.85 -5.55 23.93
N GLU E 79 14.03 -6.84 24.19
CA GLU E 79 13.02 -7.86 23.89
C GLU E 79 12.65 -8.63 25.15
N VAL E 80 11.36 -8.93 25.30
CA VAL E 80 10.83 -9.68 26.43
C VAL E 80 10.38 -11.04 25.94
N ALA E 81 10.84 -12.09 26.61
CA ALA E 81 10.55 -13.47 26.25
C ALA E 81 10.16 -14.22 27.51
N ILE E 82 8.90 -14.64 27.60
CA ILE E 82 8.39 -15.32 28.78
C ILE E 82 7.85 -16.67 28.35
N PHE E 83 8.35 -17.74 28.98
CA PHE E 83 7.94 -19.10 28.65
C PHE E 83 6.69 -19.44 29.45
N VAL E 84 5.59 -19.72 28.74
CA VAL E 84 4.27 -19.90 29.35
C VAL E 84 3.88 -21.37 29.24
N ILE E 85 3.71 -22.02 30.39
CA ILE E 85 3.22 -23.39 30.47
C ILE E 85 1.70 -23.29 30.59
N GLY E 86 1.00 -23.45 29.47
CA GLY E 86 -0.43 -23.31 29.45
C GLY E 86 -1.14 -24.57 29.87
N PRO E 87 -2.47 -24.47 29.99
CA PRO E 87 -3.27 -25.66 30.31
C PRO E 87 -3.22 -26.73 29.23
N THR E 88 -3.17 -26.34 27.95
CA THR E 88 -3.23 -27.27 26.85
C THR E 88 -2.02 -27.24 25.92
N GLN E 89 -1.15 -26.24 26.04
CA GLN E 89 0.04 -26.18 25.23
C GLN E 89 1.02 -25.22 25.87
N PHE E 90 2.27 -25.27 25.40
CA PHE E 90 3.24 -24.26 25.78
C PHE E 90 3.08 -23.04 24.89
N LYS E 91 3.56 -21.90 25.39
CA LYS E 91 3.41 -20.64 24.68
C LYS E 91 4.54 -19.71 25.08
N LEU E 92 4.97 -18.89 24.13
CA LEU E 92 6.03 -17.92 24.37
C LEU E 92 5.49 -16.52 24.13
N LEU E 93 5.69 -15.64 25.11
CA LEU E 93 5.34 -14.23 25.00
C LEU E 93 6.58 -13.48 24.56
N PHE E 94 6.60 -13.08 23.28
CA PHE E 94 7.77 -12.42 22.69
C PHE E 94 7.34 -11.06 22.14
N PHE E 95 7.90 -9.99 22.71
CA PHE E 95 7.55 -8.65 22.26
C PHE E 95 8.63 -7.67 22.67
N GLN E 96 8.59 -6.51 22.02
CA GLN E 96 9.46 -5.38 22.37
C GLN E 96 8.61 -4.26 22.94
N PRO E 97 8.67 -4.00 24.25
CA PRO E 97 7.85 -2.93 24.82
C PRO E 97 8.33 -1.56 24.40
N ILE E 98 7.43 -0.59 24.54
CA ILE E 98 7.76 0.82 24.39
C ILE E 98 7.41 1.51 25.70
N PRO E 99 8.39 2.07 26.43
CA PRO E 99 9.83 2.15 26.11
C PRO E 99 10.57 0.85 26.42
N ASP E 100 11.90 0.88 26.36
CA ASP E 100 12.71 -0.31 26.56
C ASP E 100 12.54 -0.83 27.99
N PRO E 101 12.83 -2.12 28.22
CA PRO E 101 12.58 -2.71 29.55
C PRO E 101 13.25 -1.94 30.68
N ALA E 102 14.47 -1.45 30.50
CA ALA E 102 15.12 -0.66 31.54
C ALA E 102 14.33 0.61 31.84
N SER E 103 13.83 1.28 30.80
CA SER E 103 13.02 2.46 31.02
C SER E 103 11.68 2.14 31.67
N CYS E 104 11.09 0.99 31.34
CA CYS E 104 9.89 0.55 32.03
C CYS E 104 10.15 0.37 33.53
N PHE E 105 11.27 -0.27 33.87
CA PHE E 105 11.60 -0.48 35.29
C PHE E 105 11.80 0.85 36.00
N ALA E 106 12.52 1.78 35.38
CA ALA E 106 12.72 3.10 35.98
C ALA E 106 11.40 3.86 36.10
N ALA E 107 10.52 3.75 35.10
CA ALA E 107 9.27 4.49 35.12
C ALA E 107 8.38 4.05 36.27
N LEU E 108 8.21 2.74 36.44
CA LEU E 108 7.34 2.23 37.49
C LEU E 108 8.01 2.32 38.86
N GLY E 109 9.32 2.13 38.91
CA GLY E 109 10.04 2.26 40.17
C GLY E 109 9.60 1.26 41.22
N LEU E 110 9.37 0.01 40.82
CA LEU E 110 8.95 -1.05 41.71
C LEU E 110 10.03 -2.11 41.80
N THR E 111 9.97 -2.90 42.87
CA THR E 111 10.87 -4.01 43.05
C THR E 111 10.36 -5.24 42.29
N ILE E 112 11.23 -6.23 42.15
CA ILE E 112 10.87 -7.43 41.40
C ILE E 112 9.75 -8.20 42.09
N GLU E 113 9.68 -8.16 43.42
CA GLU E 113 8.59 -8.83 44.13
C GLU E 113 7.28 -8.08 43.95
N GLU E 114 7.31 -6.75 43.99
CA GLU E 114 6.10 -5.98 43.75
C GLU E 114 5.60 -6.15 42.32
N LEU E 115 6.52 -6.20 41.36
CA LEU E 115 6.11 -6.42 39.97
C LEU E 115 5.45 -7.78 39.80
N LYS E 116 6.00 -8.82 40.43
CA LYS E 116 5.45 -10.17 40.29
C LYS E 116 4.07 -10.27 40.94
N HIS E 117 3.93 -9.78 42.17
CA HIS E 117 2.64 -9.90 42.84
C HIS E 117 1.54 -9.14 42.10
N ARG E 118 1.83 -7.92 41.67
CA ARG E 118 0.83 -7.14 40.95
C ARG E 118 0.43 -7.83 39.64
N LEU E 119 1.41 -8.33 38.88
CA LEU E 119 1.12 -8.99 37.61
C LEU E 119 0.41 -10.33 37.82
N GLU E 120 0.78 -11.08 38.86
CA GLU E 120 0.12 -12.35 39.13
C GLU E 120 -1.35 -12.16 39.41
N LYS E 121 -1.70 -11.18 40.26
CA LYS E 121 -3.10 -10.93 40.57
C LYS E 121 -3.87 -10.51 39.33
N THR E 122 -3.30 -9.60 38.53
CA THR E 122 -3.99 -9.14 37.33
C THR E 122 -4.22 -10.30 36.36
N LEU E 123 -3.21 -11.15 36.18
CA LEU E 123 -3.34 -12.28 35.27
C LEU E 123 -4.40 -13.27 35.76
N GLN E 124 -4.43 -13.54 37.06
CA GLN E 124 -5.40 -14.50 37.60
C GLN E 124 -6.83 -14.02 37.38
N GLU E 125 -7.09 -12.74 37.59
CA GLU E 125 -8.44 -12.21 37.41
C GLU E 125 -8.87 -12.28 35.94
N LYS E 126 -7.95 -12.05 35.01
CA LYS E 126 -8.30 -12.12 33.59
C LYS E 126 -8.47 -13.56 33.11
N LEU E 127 -8.01 -14.54 33.87
CA LEU E 127 -8.05 -15.93 33.46
C LEU E 127 -8.98 -16.81 34.29
N ALA E 128 -9.54 -16.30 35.38
CA ALA E 128 -10.37 -17.10 36.27
C ALA E 128 -11.60 -17.65 35.55
#